data_8T4I
#
_entry.id   8T4I
#
_cell.length_a   1.00
_cell.length_b   1.00
_cell.length_c   1.00
_cell.angle_alpha   90.00
_cell.angle_beta   90.00
_cell.angle_gamma   90.00
#
_symmetry.space_group_name_H-M   'P 1'
#
loop_
_entity.id
_entity.type
_entity.pdbx_description
1 polymer 'Antigen peptide transporter 1'
2 polymer 'Antigen peptide transporter 2'
3 polymer 'Synthetic 7-mer peptide'
#
loop_
_entity_poly.entity_id
_entity_poly.type
_entity_poly.pdbx_seq_one_letter_code
_entity_poly.pdbx_strand_id
1 'polypeptide(L)'
;MASSRCPAPRGCRCLPGASLAWLGTVLLLLADWVLLRTALPRIFSLLVPTALPLLRVWAVGLSRWAVLWLGACGVLRATV
GSKSENAGAQGWLAALKPLAAALGLALPGLALFRELISWGAPGSADSTRLLHWGSHPTAFVVSYAAALPAAALWHKLGSL
WVPGGQGGSGNPVRRLLGCLGSETRRLSLFLVLVVLSSLGEMAIPFFTGRLTDWILQDGSADTFTRNLTLMSILTIASAV
LEFVGDGIYNNTMGHVHSHLQGEVFGAVLRQETEFFQQNQTGNIMSRVTEDTSTLSDSLSENLSLFLWYLVRGLCLLGIM
LWGSVSLTMVTLITLPLLFLLPKKVGKWYQLLEVQVRESLAKSSQVAIEALSAMPTVRSFANEEGEAQKFREKLQEIKTL
NQKEAVAYAVNSWTTSISGMLLKVGILYIGGQLVTSGAVSSGNLVTFVLYQMQFTQAVEVLLSIYPRVQKAVGSSEKIFE
YLDRTPRCPPSGLLTPLHLEGLVQFQDVSFAYPNRPDVLVLQGLTFTLRPGEVTALVGPNGSGKSTVAALLQNLYQPTGG
QLLLDGKPLPQYEHRYLHRQVAAVGQEPQVFGRSLQENIAYGLTQKPTMEEITAAAVKSGAHSFISGLPQGYDTEVDEAG
SQLSGGQRQAVALARALIRKPCVLILDDATSALDANSQLQVEQLLYESPERYSRSVLLITQHLSLVEQADHILFLEGGAI
REGGTHQQLMEKKGCYWAMVQAPADAPE
;
A
2 'polypeptide(L)'
;MRLPDLRPWTSLLLVDAALLWLLQGPLGTLLPQGLPGLWLEGTLRLGGLWGLLKLRGLLGFVGTLLLPLCLATPLTVSLR
ALVAGASRAPPARVASAPWSWLLVGYGAAGLSWSLWAVLSPPGAQEKEQDQVNNKVLMWRLLKLSRPDLPLLVAAFFFLV
LAVLGETLIPHYSGRVIDILGGDFDPHAFASAIFFMCLFSFGSSLSAGCRGGCFTYTMSRINLRIREQLFSSLLRQDLGF
FQETKTGELNSRLSSDTTLMSNWLPLNANVLLRSLVKVVGLYGFMLSISPRLTLLSLLHMPFTIAAEKVYNTRHQEVLRE
IQDAVARAGQVVREAVGGLQTVRSFGAEEHEVCRYKEALEQCRQLYWRRDLERALYLLVRRVLHLGVQMLMLSCGLQQMQ
DGELTQGSLLSFMIYQESVGSYVQTLVYIYGDMLSNVGAAEKVFSYMDRQPNLPSPGTLAPTTLQGVVKFQDVSFAYPNR
PDRPVLKGLTFTLRPGEVTALVGPNGSGKSTVAALLQNLYQPTGGQVLLDEKPISQYEHCYLHSQVVSVGQEPVLFSGSV
RNNIAYGLQSCEDDKVMAAAQAAHADDFIQEMEHGIYTDVGEKGSQLAAGQKQRLAIARALVRDPRVLILDEATSALDVQ
CEQALQDWNSRGDRTVLVIAHRLQTVQRAHQILVLQEGKLQKLAQL
;
B
3 'polypeptide(L)' RRYSTEL C,D
#
# COMPACT_ATOMS: atom_id res chain seq x y z
N LEU A 180 -26.59 -13.17 -2.21
CA LEU A 180 -26.57 -13.73 -0.87
C LEU A 180 -27.76 -14.67 -0.66
N GLY A 181 -28.79 -14.51 -1.49
CA GLY A 181 -29.98 -15.33 -1.37
C GLY A 181 -29.75 -16.80 -1.64
N SER A 182 -28.84 -17.12 -2.57
CA SER A 182 -28.60 -18.52 -2.93
C SER A 182 -28.13 -19.35 -1.74
N GLU A 183 -27.56 -18.73 -0.72
CA GLU A 183 -27.13 -19.41 0.50
C GLU A 183 -28.10 -19.15 1.64
N THR A 184 -29.40 -19.05 1.33
CA THR A 184 -30.39 -18.75 2.36
C THR A 184 -30.63 -19.92 3.29
N ARG A 185 -30.37 -21.15 2.83
CA ARG A 185 -30.57 -22.31 3.69
C ARG A 185 -29.44 -22.45 4.70
N ARG A 186 -28.19 -22.53 4.23
CA ARG A 186 -27.06 -22.76 5.12
C ARG A 186 -27.04 -21.75 6.25
N LEU A 187 -27.16 -20.46 5.93
CA LEU A 187 -27.16 -19.43 6.97
C LEU A 187 -28.24 -19.67 7.99
N SER A 188 -29.44 -20.06 7.53
CA SER A 188 -30.52 -20.37 8.48
C SER A 188 -30.08 -21.46 9.44
N LEU A 189 -29.45 -22.52 8.92
CA LEU A 189 -28.92 -23.56 9.79
C LEU A 189 -27.97 -22.96 10.82
N PHE A 190 -27.05 -22.10 10.37
CA PHE A 190 -26.17 -21.40 11.31
C PHE A 190 -26.99 -20.65 12.34
N LEU A 191 -28.02 -19.91 11.89
CA LEU A 191 -28.81 -19.10 12.80
C LEU A 191 -29.54 -19.96 13.83
N VAL A 192 -29.66 -21.27 13.58
CA VAL A 192 -30.18 -22.15 14.61
C VAL A 192 -29.09 -22.54 15.58
N LEU A 193 -27.95 -23.01 15.07
CA LEU A 193 -26.93 -23.61 15.93
C LEU A 193 -26.45 -22.62 16.98
N VAL A 194 -26.17 -21.39 16.58
CA VAL A 194 -25.71 -20.38 17.53
C VAL A 194 -26.69 -20.26 18.68
N VAL A 195 -27.99 -20.19 18.38
CA VAL A 195 -28.98 -20.08 19.45
C VAL A 195 -28.84 -21.23 20.42
N LEU A 196 -28.75 -22.45 19.91
CA LEU A 196 -28.59 -23.60 20.79
C LEU A 196 -27.32 -23.47 21.62
N SER A 197 -26.22 -23.06 20.99
CA SER A 197 -24.99 -22.85 21.75
C SER A 197 -25.17 -21.79 22.81
N SER A 198 -25.92 -20.72 22.49
CA SER A 198 -26.12 -19.66 23.45
C SER A 198 -26.94 -20.13 24.64
N LEU A 199 -27.65 -21.25 24.48
CA LEU A 199 -28.39 -21.80 25.62
C LEU A 199 -27.56 -22.84 26.36
N GLY A 200 -26.53 -23.38 25.70
CA GLY A 200 -25.75 -24.43 26.32
C GLY A 200 -24.67 -23.90 27.26
N GLU A 201 -24.20 -22.68 27.00
CA GLU A 201 -23.12 -22.12 27.80
C GLU A 201 -23.61 -21.42 29.07
N MET A 202 -24.92 -21.37 29.29
CA MET A 202 -25.50 -20.80 30.51
C MET A 202 -25.74 -21.86 31.57
N ALA A 203 -24.95 -22.93 31.57
CA ALA A 203 -25.08 -24.00 32.54
C ALA A 203 -23.96 -24.02 33.57
N ILE A 204 -22.89 -23.26 33.35
CA ILE A 204 -21.80 -23.15 34.33
C ILE A 204 -22.21 -22.20 35.45
N PRO A 205 -22.74 -21.00 35.16
CA PRO A 205 -23.21 -20.17 36.29
C PRO A 205 -24.35 -20.79 37.05
N PHE A 206 -25.45 -21.14 36.37
CA PHE A 206 -26.64 -21.65 37.04
C PHE A 206 -26.30 -22.75 38.03
N PHE A 207 -25.75 -23.87 37.54
CA PHE A 207 -25.43 -24.98 38.42
C PHE A 207 -24.44 -24.59 39.52
N THR A 208 -23.54 -23.64 39.24
CA THR A 208 -22.66 -23.16 40.30
C THR A 208 -23.46 -22.69 41.49
N GLY A 209 -24.45 -21.83 41.26
CA GLY A 209 -25.32 -21.41 42.34
C GLY A 209 -25.99 -22.59 43.01
N ARG A 210 -26.46 -23.55 42.21
CA ARG A 210 -27.04 -24.76 42.76
C ARG A 210 -26.07 -25.43 43.72
N LEU A 211 -24.80 -25.56 43.30
CA LEU A 211 -23.81 -26.17 44.18
C LEU A 211 -23.69 -25.40 45.49
N THR A 212 -23.74 -24.07 45.42
CA THR A 212 -23.73 -23.27 46.64
C THR A 212 -24.89 -23.65 47.53
N ASP A 213 -26.10 -23.74 46.96
CA ASP A 213 -27.29 -24.09 47.76
C ASP A 213 -27.16 -25.53 48.28
N TRP A 214 -26.27 -26.34 47.69
CA TRP A 214 -26.06 -27.69 48.21
C TRP A 214 -25.10 -27.67 49.39
N ILE A 215 -24.16 -26.72 49.41
CA ILE A 215 -23.11 -26.75 50.42
C ILE A 215 -23.60 -26.26 51.77
N LEU A 216 -24.70 -25.52 51.81
CA LEU A 216 -25.26 -25.06 53.07
C LEU A 216 -26.37 -25.96 53.60
N GLN A 217 -26.80 -26.95 52.83
CA GLN A 217 -27.88 -27.85 53.25
C GLN A 217 -27.42 -29.30 53.25
N ASP A 218 -26.22 -29.55 53.77
CA ASP A 218 -25.67 -30.90 53.83
C ASP A 218 -26.46 -31.77 54.80
N SER A 220 -26.87 -35.49 50.09
CA SER A 220 -26.32 -36.72 49.52
C SER A 220 -25.46 -36.42 48.29
N ALA A 221 -24.72 -37.42 47.83
CA ALA A 221 -23.87 -37.26 46.67
C ALA A 221 -24.60 -37.48 45.34
N ASP A 222 -25.83 -38.00 45.39
CA ASP A 222 -26.57 -38.25 44.16
C ASP A 222 -26.88 -36.95 43.42
N THR A 223 -27.38 -35.95 44.13
CA THR A 223 -27.66 -34.66 43.52
C THR A 223 -26.39 -33.98 43.03
N PHE A 224 -25.30 -34.11 43.79
CA PHE A 224 -24.02 -33.55 43.36
C PHE A 224 -23.56 -34.17 42.05
N THR A 225 -23.64 -35.50 41.95
CA THR A 225 -23.26 -36.17 40.72
C THR A 225 -24.15 -35.77 39.55
N ARG A 226 -25.46 -35.66 39.79
CA ARG A 226 -26.38 -35.26 38.72
C ARG A 226 -26.04 -33.87 38.21
N ASN A 227 -25.79 -32.94 39.13
CA ASN A 227 -25.44 -31.57 38.72
C ASN A 227 -24.14 -31.55 37.92
N LEU A 228 -23.13 -32.31 38.39
CA LEU A 228 -21.86 -32.35 37.68
C LEU A 228 -22.03 -32.88 36.26
N THR A 229 -22.77 -33.98 36.11
CA THR A 229 -22.97 -34.57 34.79
C THR A 229 -23.72 -33.61 33.87
N LEU A 230 -24.77 -32.97 34.39
CA LEU A 230 -25.52 -32.02 33.56
C LEU A 230 -24.64 -30.88 33.09
N MET A 231 -23.84 -30.32 34.01
CA MET A 231 -22.97 -29.20 33.65
C MET A 231 -21.97 -29.61 32.56
N SER A 232 -21.30 -30.74 32.76
CA SER A 232 -20.29 -31.18 31.80
C SER A 232 -20.91 -31.44 30.43
N ILE A 233 -22.04 -32.15 30.40
CA ILE A 233 -22.66 -32.50 29.13
C ILE A 233 -23.09 -31.24 28.38
N LEU A 234 -23.74 -30.32 29.08
CA LEU A 234 -24.20 -29.10 28.42
C LEU A 234 -23.04 -28.27 27.89
N THR A 235 -21.96 -28.15 28.66
CA THR A 235 -20.82 -27.36 28.20
C THR A 235 -20.17 -27.99 26.97
N ILE A 236 -20.00 -29.32 26.97
CA ILE A 236 -19.39 -29.98 25.82
C ILE A 236 -20.25 -29.81 24.57
N ALA A 237 -21.57 -30.00 24.72
CA ALA A 237 -22.46 -29.85 23.57
C ALA A 237 -22.43 -28.42 23.03
N SER A 238 -22.40 -27.43 23.93
CA SER A 238 -22.33 -26.04 23.48
C SER A 238 -21.06 -25.78 22.70
N ALA A 239 -19.92 -26.28 23.18
CA ALA A 239 -18.66 -26.06 22.47
C ALA A 239 -18.69 -26.69 21.08
N VAL A 240 -19.18 -27.93 20.99
CA VAL A 240 -19.22 -28.61 19.69
C VAL A 240 -20.12 -27.87 18.71
N LEU A 241 -21.31 -27.46 19.17
CA LEU A 241 -22.24 -26.77 18.30
C LEU A 241 -21.65 -25.44 17.82
N GLU A 242 -20.97 -24.71 18.71
CA GLU A 242 -20.34 -23.46 18.30
C GLU A 242 -19.29 -23.70 17.22
N PHE A 243 -18.47 -24.74 17.39
CA PHE A 243 -17.45 -25.04 16.39
C PHE A 243 -18.09 -25.34 15.03
N VAL A 244 -19.14 -26.16 15.01
CA VAL A 244 -19.77 -26.52 13.75
C VAL A 244 -20.38 -25.30 13.07
N GLY A 245 -21.09 -24.47 13.85
CA GLY A 245 -21.70 -23.28 13.27
C GLY A 245 -20.67 -22.33 12.70
N ASP A 246 -19.57 -22.11 13.41
CA ASP A 246 -18.52 -21.23 12.91
C ASP A 246 -17.93 -21.76 11.61
N GLY A 247 -17.69 -23.08 11.54
CA GLY A 247 -17.17 -23.66 10.32
C GLY A 247 -18.09 -23.43 9.14
N ILE A 248 -19.38 -23.67 9.33
CA ILE A 248 -20.34 -23.49 8.24
C ILE A 248 -20.36 -22.03 7.78
N TYR A 249 -20.40 -21.10 8.73
CA TYR A 249 -20.47 -19.69 8.35
C TYR A 249 -19.24 -19.24 7.58
N ASN A 250 -18.06 -19.64 8.04
CA ASN A 250 -16.83 -19.25 7.35
C ASN A 250 -16.79 -19.84 5.95
N ASN A 251 -17.21 -21.10 5.80
CA ASN A 251 -17.19 -21.73 4.49
C ASN A 251 -18.11 -21.00 3.51
N THR A 252 -19.30 -20.60 3.96
CA THR A 252 -20.19 -19.86 3.06
C THR A 252 -19.63 -18.49 2.72
N MET A 253 -19.10 -17.77 3.72
CA MET A 253 -18.63 -16.42 3.49
C MET A 253 -17.45 -16.37 2.52
N GLY A 254 -16.59 -17.38 2.56
CA GLY A 254 -15.48 -17.40 1.60
C GLY A 254 -15.96 -17.41 0.15
N HIS A 255 -16.92 -18.28 -0.15
CA HIS A 255 -17.47 -18.35 -1.51
C HIS A 255 -18.15 -17.05 -1.88
N VAL A 256 -18.91 -16.46 -0.96
CA VAL A 256 -19.59 -15.20 -1.27
C VAL A 256 -18.57 -14.11 -1.61
N HIS A 257 -17.51 -14.02 -0.81
CA HIS A 257 -16.48 -13.01 -1.06
C HIS A 257 -15.81 -13.21 -2.41
N SER A 258 -15.43 -14.46 -2.73
CA SER A 258 -14.77 -14.71 -4.00
C SER A 258 -15.67 -14.36 -5.18
N HIS A 259 -16.95 -14.75 -5.11
CA HIS A 259 -17.88 -14.44 -6.20
C HIS A 259 -18.04 -12.94 -6.38
N LEU A 260 -18.17 -12.21 -5.27
CA LEU A 260 -18.32 -10.76 -5.37
C LEU A 260 -17.11 -10.12 -6.02
N GLN A 261 -15.91 -10.53 -5.62
CA GLN A 261 -14.70 -9.95 -6.21
C GLN A 261 -14.62 -10.26 -7.71
N GLY A 262 -14.93 -11.49 -8.10
CA GLY A 262 -14.90 -11.83 -9.51
C GLY A 262 -15.86 -10.99 -10.33
N GLU A 263 -17.08 -10.82 -9.84
CA GLU A 263 -18.06 -10.01 -10.56
C GLU A 263 -17.61 -8.56 -10.65
N VAL A 264 -17.04 -8.02 -9.56
CA VAL A 264 -16.58 -6.64 -9.57
C VAL A 264 -15.50 -6.44 -10.64
N PHE A 265 -14.52 -7.35 -10.67
CA PHE A 265 -13.45 -7.20 -11.64
C PHE A 265 -13.96 -7.35 -13.07
N GLY A 266 -14.85 -8.30 -13.31
CA GLY A 266 -15.40 -8.44 -14.65
C GLY A 266 -16.12 -7.19 -15.12
N ALA A 267 -16.95 -6.62 -14.25
CA ALA A 267 -17.64 -5.39 -14.61
C ALA A 267 -16.67 -4.25 -14.86
N VAL A 268 -15.62 -4.14 -14.03
CA VAL A 268 -14.66 -3.06 -14.20
C VAL A 268 -13.92 -3.21 -15.53
N LEU A 269 -13.51 -4.43 -15.86
CA LEU A 269 -12.76 -4.65 -17.09
C LEU A 269 -13.62 -4.38 -18.32
N ARG A 270 -14.88 -4.81 -18.30
CA ARG A 270 -15.74 -4.56 -19.45
C ARG A 270 -16.29 -3.13 -19.49
N GLN A 271 -16.17 -2.37 -18.40
CA GLN A 271 -16.70 -1.01 -18.38
C GLN A 271 -15.94 -0.11 -19.35
N GLU A 272 -14.62 -0.24 -19.40
CA GLU A 272 -13.79 0.66 -20.19
C GLU A 272 -14.12 0.59 -21.68
N VAL A 288 -9.76 0.43 -6.43
CA VAL A 288 -11.15 0.01 -6.38
C VAL A 288 -11.24 -1.49 -6.10
N THR A 289 -10.44 -2.28 -6.82
CA THR A 289 -10.48 -3.72 -6.65
C THR A 289 -10.00 -4.13 -5.27
N GLU A 290 -8.94 -3.48 -4.76
CA GLU A 290 -8.43 -3.83 -3.45
C GLU A 290 -9.35 -3.35 -2.33
N ASP A 291 -10.19 -2.34 -2.61
CA ASP A 291 -11.13 -1.85 -1.62
C ASP A 291 -12.09 -2.95 -1.21
N THR A 292 -12.64 -3.68 -2.19
CA THR A 292 -13.56 -4.78 -1.87
C THR A 292 -12.85 -5.87 -1.08
N SER A 293 -11.61 -6.18 -1.45
CA SER A 293 -10.87 -7.24 -0.76
C SER A 293 -10.60 -6.86 0.69
N THR A 294 -10.25 -5.60 0.95
CA THR A 294 -10.00 -5.16 2.31
C THR A 294 -11.27 -4.89 3.10
N LEU A 295 -12.41 -4.78 2.41
CA LEU A 295 -13.68 -4.54 3.11
C LEU A 295 -14.40 -5.83 3.47
N SER A 296 -14.31 -6.85 2.61
CA SER A 296 -15.13 -8.05 2.81
C SER A 296 -14.77 -8.79 4.09
N ASP A 297 -13.48 -8.97 4.35
CA ASP A 297 -13.06 -9.71 5.54
C ASP A 297 -13.51 -9.01 6.81
N SER A 298 -13.31 -7.69 6.88
CA SER A 298 -13.75 -6.92 8.04
C SER A 298 -15.25 -7.01 8.22
N LEU A 299 -16.01 -6.87 7.13
CA LEU A 299 -17.47 -6.93 7.23
C LEU A 299 -17.93 -8.28 7.74
N SER A 300 -17.35 -9.36 7.20
CA SER A 300 -17.76 -10.70 7.62
C SER A 300 -17.44 -10.94 9.09
N GLU A 301 -16.21 -10.60 9.51
CA GLU A 301 -15.82 -10.83 10.89
C GLU A 301 -16.69 -10.04 11.86
N ASN A 302 -16.92 -8.76 11.56
CA ASN A 302 -17.71 -7.93 12.45
C ASN A 302 -19.16 -8.38 12.51
N LEU A 303 -19.71 -8.81 11.37
CA LEU A 303 -21.08 -9.32 11.37
C LEU A 303 -21.20 -10.59 12.21
N SER A 304 -20.23 -11.50 12.08
CA SER A 304 -20.28 -12.73 12.86
C SER A 304 -20.23 -12.42 14.36
N LEU A 305 -19.30 -11.55 14.76
CA LEU A 305 -19.20 -11.21 16.18
C LEU A 305 -20.46 -10.54 16.68
N PHE A 306 -21.03 -9.63 15.87
CA PHE A 306 -22.26 -8.95 16.26
C PHE A 306 -23.39 -9.94 16.48
N LEU A 307 -23.57 -10.89 15.55
CA LEU A 307 -24.64 -11.86 15.70
C LEU A 307 -24.44 -12.72 16.95
N TRP A 308 -23.23 -13.23 17.14
CA TRP A 308 -22.96 -14.09 18.29
C TRP A 308 -23.29 -13.36 19.59
N TYR A 309 -22.77 -12.15 19.76
CA TYR A 309 -22.93 -11.47 21.05
C TYR A 309 -24.34 -10.95 21.23
N LEU A 310 -25.04 -10.58 20.15
CA LEU A 310 -26.44 -10.19 20.30
C LEU A 310 -27.28 -11.36 20.80
N VAL A 311 -27.08 -12.55 20.22
CA VAL A 311 -27.85 -13.71 20.69
C VAL A 311 -27.51 -14.05 22.13
N ARG A 312 -26.22 -13.97 22.47
CA ARG A 312 -25.84 -14.25 23.84
C ARG A 312 -26.54 -13.30 24.76
N GLY A 313 -26.45 -12.00 24.50
CA GLY A 313 -27.06 -11.02 25.37
C GLY A 313 -28.55 -11.22 25.53
N LEU A 314 -29.24 -11.55 24.42
CA LEU A 314 -30.67 -11.81 24.52
C LEU A 314 -30.97 -12.99 25.44
N CYS A 315 -30.21 -14.08 25.30
CA CYS A 315 -30.43 -15.24 26.15
C CYS A 315 -30.17 -14.91 27.62
N LEU A 316 -29.08 -14.18 27.89
CA LEU A 316 -28.76 -13.83 29.27
C LEU A 316 -29.82 -12.93 29.88
N LEU A 317 -30.31 -11.95 29.12
CA LEU A 317 -31.37 -11.09 29.64
C LEU A 317 -32.63 -11.88 29.91
N GLY A 318 -32.98 -12.82 29.02
CA GLY A 318 -34.17 -13.62 29.26
C GLY A 318 -34.07 -14.46 30.51
N ILE A 319 -32.94 -15.14 30.70
CA ILE A 319 -32.80 -16.00 31.88
C ILE A 319 -32.74 -15.17 33.16
N MET A 320 -32.11 -13.99 33.10
CA MET A 320 -32.12 -13.11 34.28
C MET A 320 -33.53 -12.64 34.61
N LEU A 321 -34.32 -12.27 33.59
CA LEU A 321 -35.68 -11.80 33.83
C LEU A 321 -36.53 -12.91 34.42
N TRP A 322 -36.33 -14.15 33.96
CA TRP A 322 -37.04 -15.27 34.57
C TRP A 322 -36.58 -15.51 36.00
N GLY A 323 -35.31 -15.23 36.30
CA GLY A 323 -34.78 -15.47 37.62
C GLY A 323 -35.33 -14.55 38.70
N SER A 324 -35.02 -13.25 38.62
CA SER A 324 -35.47 -12.29 39.61
C SER A 324 -35.81 -10.99 38.90
N VAL A 325 -37.08 -10.58 39.00
CA VAL A 325 -37.54 -9.40 38.27
C VAL A 325 -36.96 -8.12 38.86
N SER A 326 -36.92 -8.01 40.19
CA SER A 326 -36.55 -6.75 40.82
C SER A 326 -35.09 -6.41 40.56
N LEU A 327 -34.19 -7.38 40.74
CA LEU A 327 -32.78 -7.13 40.51
C LEU A 327 -32.51 -6.83 39.04
N THR A 328 -33.20 -7.52 38.13
CA THR A 328 -33.05 -7.23 36.72
C THR A 328 -33.50 -5.82 36.39
N MET A 329 -34.61 -5.38 36.99
CA MET A 329 -35.07 -4.01 36.79
C MET A 329 -34.04 -3.01 37.31
N VAL A 330 -33.44 -3.29 38.46
CA VAL A 330 -32.42 -2.38 39.00
C VAL A 330 -31.23 -2.29 38.04
N THR A 331 -30.77 -3.44 37.54
CA THR A 331 -29.64 -3.46 36.62
C THR A 331 -29.96 -2.69 35.34
N LEU A 332 -31.17 -2.89 34.78
CA LEU A 332 -31.54 -2.19 33.57
C LEU A 332 -31.64 -0.69 33.80
N ILE A 333 -32.12 -0.29 34.98
CA ILE A 333 -32.23 1.14 35.27
C ILE A 333 -30.86 1.78 35.39
N THR A 334 -29.93 1.11 36.09
CA THR A 334 -28.63 1.72 36.32
C THR A 334 -27.64 1.53 35.18
N LEU A 335 -27.96 0.70 34.19
CA LEU A 335 -27.03 0.54 33.06
C LEU A 335 -26.81 1.82 32.26
N PRO A 336 -27.84 2.53 31.79
CA PRO A 336 -27.57 3.72 30.96
C PRO A 336 -26.83 4.83 31.68
N LEU A 337 -27.08 5.03 32.97
CA LEU A 337 -26.42 6.11 33.69
C LEU A 337 -24.92 5.87 33.86
N LEU A 338 -24.50 4.61 33.88
CA LEU A 338 -23.10 4.26 34.03
C LEU A 338 -22.43 3.93 32.71
N PHE A 339 -23.10 4.16 31.58
CA PHE A 339 -22.55 3.89 30.26
C PHE A 339 -22.66 5.10 29.34
N LEU A 340 -22.48 6.30 29.91
CA LEU A 340 -22.58 7.54 29.16
C LEU A 340 -21.24 8.27 29.11
N LEU A 341 -20.64 8.53 30.27
CA LEU A 341 -19.36 9.25 30.30
C LEU A 341 -18.22 8.50 29.60
N PRO A 342 -18.03 7.18 29.78
CA PRO A 342 -16.92 6.52 29.09
C PRO A 342 -16.96 6.67 27.57
N LYS A 343 -18.15 6.63 26.96
CA LYS A 343 -18.24 6.87 25.53
C LYS A 343 -17.82 8.29 25.18
N LYS A 344 -18.22 9.27 26.00
CA LYS A 344 -17.84 10.65 25.75
C LYS A 344 -16.33 10.83 25.80
N VAL A 345 -15.66 10.20 26.77
CA VAL A 345 -14.21 10.32 26.86
C VAL A 345 -13.54 9.57 25.71
N GLY A 346 -14.06 8.39 25.37
CA GLY A 346 -13.47 7.60 24.31
C GLY A 346 -13.52 8.27 22.95
N LYS A 347 -14.62 8.98 22.66
CA LYS A 347 -14.70 9.70 21.38
C LYS A 347 -13.62 10.77 21.27
N TRP A 348 -13.41 11.52 22.36
CA TRP A 348 -12.38 12.54 22.38
C TRP A 348 -10.99 11.93 22.20
N TYR A 349 -10.72 10.81 22.90
CA TYR A 349 -9.43 10.14 22.76
C TYR A 349 -9.22 9.65 21.33
N GLN A 350 -10.26 9.09 20.71
CA GLN A 350 -10.14 8.61 19.35
C GLN A 350 -9.89 9.76 18.37
N LEU A 351 -10.54 10.90 18.58
CA LEU A 351 -10.28 12.06 17.74
C LEU A 351 -8.82 12.50 17.84
N LEU A 352 -8.30 12.56 19.06
CA LEU A 352 -6.89 12.94 19.21
C LEU A 352 -5.97 11.94 18.51
N GLU A 353 -6.27 10.65 18.64
CA GLU A 353 -5.43 9.62 18.01
C GLU A 353 -5.44 9.77 16.49
N VAL A 354 -6.61 9.98 15.89
CA VAL A 354 -6.68 10.08 14.44
C VAL A 354 -5.97 11.35 13.96
N GLN A 355 -6.06 12.44 14.73
CA GLN A 355 -5.31 13.64 14.36
C GLN A 355 -3.82 13.38 14.37
N VAL A 356 -3.32 12.67 15.39
CA VAL A 356 -1.90 12.36 15.47
C VAL A 356 -1.46 11.53 14.26
N ARG A 357 -2.26 10.51 13.91
CA ARG A 357 -1.90 9.67 12.79
C ARG A 357 -1.88 10.44 11.47
N GLU A 358 -2.85 11.34 11.27
CA GLU A 358 -2.87 12.15 10.06
C GLU A 358 -1.64 13.04 9.98
N SER A 359 -1.24 13.63 11.13
CA SER A 359 -0.04 14.47 11.12
C SER A 359 1.20 13.66 10.78
N LEU A 360 1.31 12.44 11.31
CA LEU A 360 2.43 11.59 10.97
C LEU A 360 2.47 11.29 9.47
N ALA A 361 1.30 11.01 8.88
CA ALA A 361 1.24 10.75 7.45
C ALA A 361 1.68 11.96 6.64
N LYS A 362 1.26 13.16 7.06
CA LYS A 362 1.68 14.39 6.38
C LYS A 362 3.19 14.54 6.41
N SER A 363 3.81 14.31 7.58
CA SER A 363 5.26 14.41 7.68
C SER A 363 5.95 13.39 6.80
N SER A 364 5.39 12.17 6.75
CA SER A 364 5.97 11.09 5.91
C SER A 364 6.13 11.60 4.46
N GLN A 365 5.06 12.14 3.88
CA GLN A 365 5.12 12.66 2.48
C GLN A 365 6.12 13.82 2.43
N VAL A 366 6.01 14.75 3.38
CA VAL A 366 6.97 15.91 3.43
C VAL A 366 8.38 15.35 3.32
N ALA A 367 8.58 14.08 3.67
CA ALA A 367 9.90 13.46 3.61
C ALA A 367 10.11 12.69 2.31
N ILE A 368 9.09 11.94 1.87
CA ILE A 368 9.22 11.17 0.65
C ILE A 368 9.35 12.08 -0.57
N GLU A 369 8.57 13.17 -0.61
CA GLU A 369 8.71 14.14 -1.68
C GLU A 369 10.12 14.72 -1.73
N ALA A 370 10.69 15.02 -0.56
CA ALA A 370 12.05 15.51 -0.52
C ALA A 370 13.05 14.47 -1.02
N LEU A 371 12.87 13.21 -0.64
CA LEU A 371 13.82 12.16 -0.97
C LEU A 371 13.68 11.65 -2.41
N SER A 372 12.59 11.96 -3.10
CA SER A 372 12.40 11.48 -4.45
C SER A 372 13.07 12.35 -5.52
N ALA A 373 13.56 13.53 -5.17
CA ALA A 373 14.18 14.42 -6.13
C ALA A 373 15.59 14.79 -5.69
N MET A 374 16.37 13.79 -5.28
CA MET A 374 17.69 14.06 -4.72
C MET A 374 18.64 14.81 -5.66
N PRO A 375 18.70 14.55 -6.97
CA PRO A 375 19.66 15.30 -7.80
C PRO A 375 19.51 16.81 -7.70
N THR A 376 18.28 17.33 -7.70
CA THR A 376 18.10 18.77 -7.61
C THR A 376 18.49 19.31 -6.24
N VAL A 377 18.13 18.59 -5.17
CA VAL A 377 18.50 19.03 -3.83
C VAL A 377 20.01 19.08 -3.68
N ARG A 378 20.70 18.05 -4.15
CA ARG A 378 22.16 18.04 -4.09
C ARG A 378 22.75 19.14 -4.97
N SER A 379 22.14 19.40 -6.13
CA SER A 379 22.65 20.43 -7.03
C SER A 379 22.57 21.81 -6.39
N PHE A 380 21.48 22.08 -5.67
CA PHE A 380 21.31 23.39 -5.05
C PHE A 380 21.83 23.46 -3.62
N ALA A 381 22.41 22.38 -3.11
CA ALA A 381 23.01 22.34 -1.77
C ALA A 381 22.00 22.76 -0.70
N ASN A 382 20.84 22.13 -0.73
CA ASN A 382 19.72 22.49 0.13
C ASN A 382 19.25 21.30 0.97
N GLU A 383 20.20 20.55 1.55
CA GLU A 383 19.82 19.46 2.43
C GLU A 383 19.40 19.96 3.81
N GLU A 384 20.07 21.01 4.30
CA GLU A 384 19.71 21.57 5.59
C GLU A 384 18.29 22.12 5.59
N GLY A 385 17.85 22.69 4.46
CA GLY A 385 16.48 23.16 4.36
C GLY A 385 15.48 22.02 4.50
N GLU A 386 15.76 20.88 3.86
CA GLU A 386 14.87 19.74 3.97
C GLU A 386 14.84 19.20 5.40
N ALA A 387 16.00 19.13 6.04
CA ALA A 387 16.03 18.70 7.44
C ALA A 387 15.24 19.64 8.33
N GLN A 388 15.37 20.95 8.10
CA GLN A 388 14.62 21.92 8.89
C GLN A 388 13.13 21.79 8.66
N LYS A 389 12.70 21.56 7.41
CA LYS A 389 11.28 21.36 7.14
C LYS A 389 10.74 20.14 7.86
N PHE A 390 11.48 19.04 7.83
CA PHE A 390 11.04 17.83 8.53
C PHE A 390 10.95 18.07 10.03
N ARG A 391 11.94 18.75 10.61
CA ARG A 391 11.91 19.03 12.04
C ARG A 391 10.73 19.92 12.41
N GLU A 392 10.46 20.93 11.58
CA GLU A 392 9.31 21.80 11.84
C GLU A 392 8.01 21.01 11.75
N LYS A 393 7.92 20.04 10.85
CA LYS A 393 6.73 19.20 10.79
C LYS A 393 6.58 18.37 12.06
N LEU A 394 7.67 17.82 12.58
CA LEU A 394 7.59 16.99 13.79
C LEU A 394 7.26 17.81 15.03
N GLN A 395 7.67 19.09 15.05
CA GLN A 395 7.41 19.94 16.20
C GLN A 395 5.91 20.20 16.41
N GLU A 396 5.07 19.89 15.44
CA GLU A 396 3.63 20.03 15.61
C GLU A 396 3.00 18.79 16.25
N ILE A 397 3.48 17.60 15.90
CA ILE A 397 3.01 16.38 16.55
C ILE A 397 3.47 16.33 18.00
N LYS A 398 4.64 16.92 18.28
CA LYS A 398 5.11 16.97 19.67
C LYS A 398 4.08 17.60 20.59
N THR A 399 3.29 18.55 20.08
CA THR A 399 2.27 19.19 20.92
C THR A 399 1.07 18.27 21.16
N LEU A 400 0.62 17.56 20.13
CA LEU A 400 -0.57 16.75 20.25
C LEU A 400 -0.34 15.51 21.12
N ASN A 401 0.89 15.01 21.16
CA ASN A 401 1.14 13.76 21.88
C ASN A 401 0.83 13.89 23.38
N GLN A 402 1.10 15.05 23.96
CA GLN A 402 0.85 15.24 25.39
C GLN A 402 -0.63 15.11 25.73
N LYS A 403 -1.48 15.81 24.97
CA LYS A 403 -2.91 15.71 25.21
C LYS A 403 -3.44 14.32 24.89
N GLU A 404 -2.84 13.63 23.92
CA GLU A 404 -3.24 12.25 23.67
C GLU A 404 -2.98 11.37 24.89
N ALA A 405 -1.81 11.53 25.51
CA ALA A 405 -1.49 10.74 26.69
C ALA A 405 -2.43 11.07 27.85
N VAL A 406 -2.71 12.36 28.05
CA VAL A 406 -3.60 12.77 29.14
C VAL A 406 -5.00 12.19 28.95
N ALA A 407 -5.51 12.25 27.71
CA ALA A 407 -6.82 11.68 27.43
C ALA A 407 -6.82 10.17 27.66
N TYR A 408 -5.74 9.48 27.30
CA TYR A 408 -5.65 8.05 27.56
C TYR A 408 -5.78 7.76 29.06
N ALA A 409 -5.03 8.49 29.88
CA ALA A 409 -5.08 8.25 31.32
C ALA A 409 -6.47 8.52 31.88
N VAL A 410 -7.10 9.61 31.45
CA VAL A 410 -8.43 9.95 31.97
C VAL A 410 -9.45 8.90 31.55
N ASN A 411 -9.36 8.40 30.32
CA ASN A 411 -10.26 7.37 29.86
C ASN A 411 -10.11 6.10 30.70
N SER A 412 -8.87 5.70 31.00
CA SER A 412 -8.67 4.51 31.82
C SER A 412 -9.29 4.69 33.21
N TRP A 413 -9.08 5.85 33.82
CA TRP A 413 -9.66 6.10 35.15
C TRP A 413 -11.18 6.01 35.11
N THR A 414 -11.79 6.64 34.10
CA THR A 414 -13.25 6.65 34.01
C THR A 414 -13.80 5.24 33.83
N THR A 415 -13.16 4.45 32.96
CA THR A 415 -13.63 3.08 32.74
C THR A 415 -13.55 2.26 34.02
N SER A 416 -12.44 2.37 34.75
CA SER A 416 -12.32 1.60 36.00
C SER A 416 -13.37 2.01 37.02
N ILE A 417 -13.59 3.32 37.17
CA ILE A 417 -14.55 3.80 38.17
C ILE A 417 -15.95 3.30 37.84
N SER A 418 -16.35 3.43 36.58
CA SER A 418 -17.68 2.95 36.19
C SER A 418 -17.81 1.45 36.42
N GLY A 419 -16.77 0.68 36.07
CA GLY A 419 -16.83 -0.76 36.26
C GLY A 419 -17.02 -1.15 37.71
N MET A 420 -16.35 -0.44 38.61
CA MET A 420 -16.45 -0.75 40.07
C MET A 420 -17.82 -0.31 40.58
N LEU A 421 -18.25 0.90 40.21
CA LEU A 421 -19.54 1.45 40.73
C LEU A 421 -20.69 0.53 40.31
N LEU A 422 -20.73 0.14 39.04
CA LEU A 422 -21.84 -0.71 38.53
C LEU A 422 -22.03 -1.94 39.43
N LYS A 423 -20.96 -2.69 39.68
CA LYS A 423 -21.07 -3.91 40.46
C LYS A 423 -21.51 -3.62 41.89
N VAL A 424 -20.95 -2.57 42.51
CA VAL A 424 -21.28 -2.28 43.90
C VAL A 424 -22.77 -1.94 44.04
N GLY A 425 -23.31 -1.20 43.06
CA GLY A 425 -24.70 -0.79 43.16
C GLY A 425 -25.67 -1.95 43.26
N ILE A 426 -25.41 -3.03 42.55
CA ILE A 426 -26.28 -4.20 42.63
C ILE A 426 -25.88 -5.12 43.78
N LEU A 427 -24.61 -5.13 44.18
CA LEU A 427 -24.21 -5.98 45.29
C LEU A 427 -24.88 -5.54 46.59
N TYR A 428 -25.01 -4.23 46.80
CA TYR A 428 -25.66 -3.76 48.02
C TYR A 428 -27.10 -4.24 48.12
N ILE A 429 -27.88 -4.03 47.05
CA ILE A 429 -29.29 -4.41 47.09
C ILE A 429 -29.44 -5.93 47.15
N GLY A 430 -28.56 -6.67 46.46
CA GLY A 430 -28.62 -8.12 46.58
C GLY A 430 -28.35 -8.61 47.98
N GLY A 431 -27.35 -8.03 48.64
CA GLY A 431 -27.08 -8.42 50.03
C GLY A 431 -28.23 -8.10 50.96
N GLN A 432 -28.83 -6.91 50.80
CA GLN A 432 -29.96 -6.57 51.67
C GLN A 432 -31.14 -7.50 51.42
N LEU A 433 -31.40 -7.84 50.15
CA LEU A 433 -32.49 -8.77 49.84
C LEU A 433 -32.25 -10.14 50.44
N VAL A 434 -31.01 -10.64 50.34
CA VAL A 434 -30.70 -11.95 50.90
C VAL A 434 -30.85 -11.94 52.41
N THR A 435 -30.37 -10.88 53.07
CA THR A 435 -30.52 -10.78 54.51
C THR A 435 -31.99 -10.72 54.91
N SER A 436 -32.82 -10.07 54.10
CA SER A 436 -34.24 -10.01 54.38
C SER A 436 -34.86 -11.40 54.41
N GLY A 437 -34.32 -12.34 53.65
CA GLY A 437 -34.81 -13.70 53.65
C GLY A 437 -35.76 -14.07 52.54
N ALA A 438 -35.97 -13.18 51.57
CA ALA A 438 -36.88 -13.49 50.47
C ALA A 438 -36.26 -14.48 49.48
N VAL A 439 -34.95 -14.41 49.28
CA VAL A 439 -34.26 -15.27 48.33
C VAL A 439 -33.03 -15.87 49.01
N SER A 440 -32.55 -16.98 48.44
CA SER A 440 -31.39 -17.67 48.98
C SER A 440 -30.11 -17.13 48.35
N SER A 441 -28.97 -17.65 48.81
CA SER A 441 -27.68 -17.17 48.32
C SER A 441 -27.34 -17.68 46.93
N GLY A 442 -27.75 -18.91 46.61
CA GLY A 442 -27.44 -19.47 45.30
C GLY A 442 -28.04 -18.67 44.16
N ASN A 443 -29.30 -18.23 44.34
CA ASN A 443 -29.92 -17.38 43.33
C ASN A 443 -29.15 -16.08 43.16
N LEU A 444 -28.65 -15.51 44.26
CA LEU A 444 -27.86 -14.29 44.18
C LEU A 444 -26.56 -14.53 43.42
N VAL A 445 -25.90 -15.66 43.65
CA VAL A 445 -24.66 -15.96 42.96
C VAL A 445 -24.90 -16.11 41.46
N THR A 446 -25.94 -16.85 41.10
CA THR A 446 -26.28 -17.00 39.68
C THR A 446 -26.59 -15.66 39.05
N PHE A 447 -27.36 -14.82 39.75
CA PHE A 447 -27.70 -13.51 39.20
C PHE A 447 -26.46 -12.64 39.02
N VAL A 448 -25.52 -12.70 39.97
CA VAL A 448 -24.30 -11.89 39.85
C VAL A 448 -23.51 -12.32 38.62
N LEU A 449 -23.34 -13.63 38.44
CA LEU A 449 -22.59 -14.10 37.27
C LEU A 449 -23.31 -13.72 35.97
N TYR A 450 -24.63 -13.86 35.93
CA TYR A 450 -25.38 -13.48 34.74
C TYR A 450 -25.24 -12.00 34.45
N GLN A 451 -25.27 -11.17 35.49
CA GLN A 451 -25.15 -9.72 35.30
C GLN A 451 -23.77 -9.36 34.75
N MET A 452 -22.73 -10.00 35.27
CA MET A 452 -21.39 -9.74 34.73
C MET A 452 -21.30 -10.09 33.25
N GLN A 453 -21.83 -11.27 32.89
CA GLN A 453 -21.77 -11.68 31.49
C GLN A 453 -22.60 -10.77 30.60
N PHE A 454 -23.76 -10.32 31.10
CA PHE A 454 -24.61 -9.42 30.33
C PHE A 454 -23.92 -8.08 30.08
N THR A 455 -23.28 -7.53 31.10
CA THR A 455 -22.55 -6.28 30.92
C THR A 455 -21.42 -6.44 29.91
N GLN A 456 -20.70 -7.56 29.99
CA GLN A 456 -19.64 -7.80 29.00
C GLN A 456 -20.20 -7.86 27.58
N ALA A 457 -21.33 -8.54 27.40
CA ALA A 457 -21.93 -8.64 26.07
C ALA A 457 -22.35 -7.28 25.55
N VAL A 458 -22.97 -6.46 26.41
CA VAL A 458 -23.41 -5.13 25.97
C VAL A 458 -22.21 -4.29 25.56
N GLU A 459 -21.14 -4.34 26.35
CA GLU A 459 -19.95 -3.55 26.03
C GLU A 459 -19.34 -3.99 24.71
N VAL A 460 -19.28 -5.31 24.47
CA VAL A 460 -18.73 -5.82 23.19
C VAL A 460 -19.60 -5.27 22.05
N LEU A 461 -20.93 -5.39 22.17
CA LEU A 461 -21.81 -4.94 21.10
C LEU A 461 -21.59 -3.46 20.79
N LEU A 462 -21.48 -2.64 21.83
CA LEU A 462 -21.26 -1.21 21.61
C LEU A 462 -19.92 -0.96 20.94
N SER A 463 -18.89 -1.74 21.30
CA SER A 463 -17.59 -1.57 20.65
C SER A 463 -17.62 -2.02 19.19
N ILE A 464 -18.43 -3.02 18.86
CA ILE A 464 -18.38 -3.61 17.52
C ILE A 464 -19.25 -2.83 16.53
N TYR A 465 -20.40 -2.31 16.95
CA TYR A 465 -21.38 -1.75 16.02
C TYR A 465 -20.83 -0.71 15.05
N PRO A 466 -20.03 0.29 15.46
CA PRO A 466 -19.59 1.31 14.49
C PRO A 466 -18.84 0.77 13.30
N ARG A 467 -18.01 -0.26 13.48
CA ARG A 467 -17.30 -0.84 12.35
C ARG A 467 -18.26 -1.47 11.35
N VAL A 468 -19.29 -2.15 11.84
CA VAL A 468 -20.31 -2.72 10.97
C VAL A 468 -20.99 -1.61 10.19
N GLN A 469 -21.36 -0.52 10.88
CA GLN A 469 -22.02 0.58 10.18
C GLN A 469 -21.13 1.18 9.10
N LYS A 470 -19.85 1.39 9.41
CA LYS A 470 -18.93 1.97 8.44
C LYS A 470 -18.76 1.08 7.23
N ALA A 471 -18.57 -0.23 7.45
CA ALA A 471 -18.39 -1.14 6.32
C ALA A 471 -19.65 -1.22 5.46
N VAL A 472 -20.82 -1.25 6.09
CA VAL A 472 -22.07 -1.29 5.33
C VAL A 472 -22.22 -0.03 4.50
N GLY A 473 -21.91 1.13 5.08
CA GLY A 473 -21.97 2.37 4.33
C GLY A 473 -20.98 2.39 3.18
N SER A 474 -19.81 1.80 3.37
CA SER A 474 -18.78 1.83 2.33
C SER A 474 -19.10 0.89 1.17
N SER A 475 -19.74 -0.25 1.45
CA SER A 475 -20.01 -1.22 0.38
C SER A 475 -20.96 -0.67 -0.68
N GLU A 476 -21.80 0.30 -0.33
CA GLU A 476 -22.73 0.86 -1.30
C GLU A 476 -21.99 1.58 -2.42
N LYS A 477 -20.82 2.16 -2.14
CA LYS A 477 -20.04 2.80 -3.19
C LYS A 477 -19.59 1.78 -4.23
N ILE A 478 -19.10 0.63 -3.77
CA ILE A 478 -18.69 -0.43 -4.70
C ILE A 478 -19.90 -0.93 -5.50
N PHE A 479 -21.03 -1.08 -4.83
CA PHE A 479 -22.24 -1.51 -5.51
C PHE A 479 -22.58 -0.55 -6.62
N GLU A 480 -22.62 0.73 -6.30
CA GLU A 480 -22.97 1.76 -7.29
C GLU A 480 -21.98 1.77 -8.44
N TYR A 481 -20.69 1.63 -8.14
CA TYR A 481 -19.67 1.60 -9.19
C TYR A 481 -19.84 0.38 -10.09
N LEU A 482 -20.24 -0.77 -9.54
CA LEU A 482 -20.46 -1.95 -10.36
C LEU A 482 -21.74 -1.87 -11.18
N ASP A 483 -22.79 -1.25 -10.64
CA ASP A 483 -24.09 -1.19 -11.32
C ASP A 483 -24.18 -0.09 -12.37
N ARG A 484 -23.20 0.80 -12.46
CA ARG A 484 -23.26 1.90 -13.42
C ARG A 484 -22.96 1.41 -14.83
N GLY A 492 -25.00 -13.23 -29.39
CA GLY A 492 -25.87 -13.43 -30.53
C GLY A 492 -25.34 -12.83 -31.81
N LEU A 493 -24.93 -13.68 -32.74
CA LEU A 493 -24.39 -13.22 -34.01
C LEU A 493 -24.51 -14.34 -35.03
N LEU A 494 -24.42 -13.95 -36.31
CA LEU A 494 -24.47 -14.93 -37.39
C LEU A 494 -23.17 -15.74 -37.43
N THR A 495 -23.26 -16.92 -38.02
CA THR A 495 -22.11 -17.82 -38.08
C THR A 495 -21.25 -17.47 -39.29
N PRO A 496 -19.99 -17.09 -39.11
CA PRO A 496 -19.10 -16.83 -40.24
C PRO A 496 -18.29 -18.05 -40.62
N LEU A 497 -18.04 -18.18 -41.93
CA LEU A 497 -17.27 -19.29 -42.48
C LEU A 497 -15.93 -18.84 -43.05
N HIS A 498 -15.94 -17.90 -43.99
CA HIS A 498 -14.72 -17.40 -44.59
C HIS A 498 -14.97 -16.03 -45.18
N LEU A 499 -13.91 -15.24 -45.30
CA LEU A 499 -13.99 -13.90 -45.88
C LEU A 499 -12.88 -13.76 -46.92
N GLU A 500 -13.23 -13.22 -48.08
CA GLU A 500 -12.27 -13.06 -49.16
C GLU A 500 -11.40 -11.81 -49.02
N GLY A 501 -11.67 -10.97 -48.03
CA GLY A 501 -10.92 -9.74 -47.85
C GLY A 501 -11.46 -8.54 -48.58
N LEU A 502 -12.71 -8.59 -49.04
CA LEU A 502 -13.32 -7.47 -49.75
C LEU A 502 -14.12 -6.62 -48.78
N VAL A 503 -13.80 -5.33 -48.72
CA VAL A 503 -14.46 -4.40 -47.81
C VAL A 503 -14.81 -3.13 -48.56
N GLN A 504 -15.81 -2.41 -48.04
CA GLN A 504 -16.26 -1.14 -48.62
C GLN A 504 -17.19 -0.47 -47.61
N PHE A 505 -17.23 0.86 -47.69
CA PHE A 505 -18.09 1.66 -46.81
C PHE A 505 -18.82 2.71 -47.63
N GLN A 506 -20.06 2.99 -47.22
CA GLN A 506 -20.89 4.00 -47.87
C GLN A 506 -21.59 4.83 -46.81
N ASP A 507 -21.30 6.13 -46.79
CA ASP A 507 -21.87 7.05 -45.80
C ASP A 507 -21.58 6.58 -44.38
N VAL A 508 -20.36 6.10 -44.16
CA VAL A 508 -19.96 5.59 -42.85
C VAL A 508 -19.59 6.75 -41.94
N SER A 509 -19.97 6.64 -40.66
CA SER A 509 -19.66 7.67 -39.69
C SER A 509 -19.40 7.00 -38.34
N PHE A 510 -18.45 7.56 -37.59
CA PHE A 510 -18.13 7.07 -36.25
C PHE A 510 -17.72 8.25 -35.38
N ALA A 511 -17.90 8.10 -34.07
CA ALA A 511 -17.65 9.17 -33.13
C ALA A 511 -17.08 8.62 -31.83
N TYR A 512 -16.75 9.53 -30.92
CA TYR A 512 -16.26 9.17 -29.61
C TYR A 512 -17.43 8.72 -28.71
N PRO A 513 -17.16 7.84 -27.75
CA PRO A 513 -18.25 7.41 -26.84
C PRO A 513 -18.81 8.53 -25.99
N ASN A 514 -18.07 9.63 -25.80
CA ASN A 514 -18.57 10.72 -24.96
C ASN A 514 -19.82 11.35 -25.55
N ARG A 515 -19.83 11.59 -26.86
CA ARG A 515 -20.97 12.19 -27.54
C ARG A 515 -20.85 11.93 -29.02
N PRO A 516 -21.96 11.83 -29.75
CA PRO A 516 -21.89 11.66 -31.21
C PRO A 516 -21.44 12.90 -31.96
N ASP A 517 -21.19 14.01 -31.27
CA ASP A 517 -20.74 15.24 -31.91
C ASP A 517 -19.23 15.31 -32.06
N VAL A 518 -18.50 14.28 -31.62
CA VAL A 518 -17.04 14.27 -31.71
C VAL A 518 -16.64 13.38 -32.89
N LEU A 519 -17.53 13.25 -33.87
CA LEU A 519 -17.27 12.38 -35.01
C LEU A 519 -16.03 12.82 -35.78
N VAL A 520 -15.20 11.85 -36.13
CA VAL A 520 -13.98 12.10 -36.90
C VAL A 520 -14.14 11.70 -38.36
N LEU A 521 -15.36 11.35 -38.78
CA LEU A 521 -15.61 10.95 -40.15
C LEU A 521 -17.01 11.41 -40.55
N GLN A 522 -17.19 11.62 -41.85
CA GLN A 522 -18.49 12.05 -42.37
C GLN A 522 -18.58 11.64 -43.83
N GLY A 523 -19.38 10.62 -44.13
CA GLY A 523 -19.54 10.16 -45.50
C GLY A 523 -18.28 9.59 -46.12
N LEU A 524 -17.55 8.76 -45.38
CA LEU A 524 -16.34 8.17 -45.91
C LEU A 524 -16.67 7.11 -46.97
N THR A 525 -15.71 6.87 -47.86
CA THR A 525 -15.87 5.90 -48.94
C THR A 525 -14.60 5.06 -49.09
N PHE A 526 -14.05 4.62 -47.97
CA PHE A 526 -12.83 3.80 -48.00
C PHE A 526 -13.14 2.42 -48.54
N THR A 527 -12.21 1.88 -49.33
CA THR A 527 -12.37 0.54 -49.89
C THR A 527 -10.99 -0.01 -50.24
N LEU A 528 -10.73 -1.25 -49.84
CA LEU A 528 -9.47 -1.93 -50.14
C LEU A 528 -9.79 -3.25 -50.82
N ARG A 529 -9.26 -3.45 -52.02
CA ARG A 529 -9.53 -4.66 -52.77
C ARG A 529 -8.82 -5.85 -52.12
N PRO A 530 -9.39 -7.05 -52.25
CA PRO A 530 -8.70 -8.25 -51.75
C PRO A 530 -7.43 -8.51 -52.55
N GLY A 531 -6.34 -8.80 -51.84
CA GLY A 531 -5.06 -9.01 -52.48
C GLY A 531 -4.33 -7.73 -52.85
N GLU A 532 -4.85 -6.57 -52.47
CA GLU A 532 -4.24 -5.29 -52.75
C GLU A 532 -3.94 -4.55 -51.47
N VAL A 533 -2.75 -3.96 -51.37
CA VAL A 533 -2.31 -3.23 -50.19
C VAL A 533 -2.43 -1.74 -50.47
N THR A 534 -3.06 -1.01 -49.55
CA THR A 534 -3.29 0.41 -49.71
C THR A 534 -2.98 1.13 -48.41
N ALA A 535 -2.77 2.43 -48.51
CA ALA A 535 -2.46 3.28 -47.37
C ALA A 535 -3.33 4.53 -47.40
N LEU A 536 -3.51 5.12 -46.23
CA LEU A 536 -4.34 6.31 -46.07
C LEU A 536 -3.55 7.40 -45.34
N VAL A 537 -3.88 8.65 -45.65
CA VAL A 537 -3.24 9.81 -45.05
C VAL A 537 -4.31 10.86 -44.75
N GLY A 538 -3.91 11.89 -44.00
CA GLY A 538 -4.81 12.96 -43.65
C GLY A 538 -4.24 13.88 -42.59
N PRO A 539 -5.04 14.86 -42.16
CA PRO A 539 -4.56 15.78 -41.12
C PRO A 539 -4.34 15.07 -39.80
N ASN A 540 -3.38 15.59 -39.04
CA ASN A 540 -3.06 14.99 -37.74
C ASN A 540 -4.24 15.08 -36.79
N GLY A 541 -4.92 16.22 -36.76
CA GLY A 541 -6.07 16.40 -35.89
C GLY A 541 -7.37 15.82 -36.40
N SER A 542 -7.38 15.25 -37.61
CA SER A 542 -8.60 14.68 -38.16
C SER A 542 -9.00 13.40 -37.44
N GLY A 543 -8.07 12.73 -36.77
CA GLY A 543 -8.38 11.51 -36.06
C GLY A 543 -8.84 10.37 -36.94
N LYS A 544 -8.19 10.17 -38.08
CA LYS A 544 -8.55 9.10 -38.99
C LYS A 544 -8.24 7.71 -38.43
N SER A 545 -7.40 7.62 -37.39
CA SER A 545 -7.05 6.33 -36.81
C SER A 545 -8.27 5.55 -36.32
N THR A 546 -9.32 6.25 -35.91
CA THR A 546 -10.55 5.57 -35.48
C THR A 546 -11.12 4.67 -36.57
N VAL A 547 -10.85 4.97 -37.85
CA VAL A 547 -11.30 4.12 -38.94
C VAL A 547 -10.77 2.71 -38.74
N ALA A 548 -9.50 2.58 -38.33
CA ALA A 548 -8.94 1.27 -38.04
C ALA A 548 -9.75 0.58 -36.95
N ALA A 549 -10.11 1.32 -35.89
CA ALA A 549 -10.97 0.76 -34.86
C ALA A 549 -12.32 0.37 -35.44
N LEU A 550 -12.81 1.14 -36.41
CA LEU A 550 -14.06 0.78 -37.08
C LEU A 550 -13.89 -0.50 -37.89
N LEU A 551 -12.68 -0.76 -38.38
CA LEU A 551 -12.42 -2.00 -39.12
C LEU A 551 -12.40 -3.21 -38.20
N GLN A 552 -12.06 -3.01 -36.93
CA GLN A 552 -11.97 -4.10 -35.97
C GLN A 552 -13.30 -4.39 -35.29
N ASN A 553 -14.38 -3.72 -35.69
CA ASN A 553 -15.71 -3.90 -35.12
C ASN A 553 -15.73 -3.58 -33.62
N LEU A 554 -14.86 -2.66 -33.19
CA LEU A 554 -14.87 -2.25 -31.79
C LEU A 554 -16.10 -1.42 -31.46
N TYR A 555 -16.58 -0.62 -32.42
CA TYR A 555 -17.77 0.19 -32.23
C TYR A 555 -18.63 0.11 -33.47
N GLN A 556 -19.94 0.01 -33.28
CA GLN A 556 -20.85 -0.06 -34.40
C GLN A 556 -20.88 1.27 -35.17
N PRO A 557 -21.10 1.22 -36.47
CA PRO A 557 -21.16 2.47 -37.25
C PRO A 557 -22.30 3.37 -36.77
N THR A 558 -22.03 4.68 -36.79
CA THR A 558 -23.06 5.65 -36.44
C THR A 558 -24.03 5.91 -37.58
N GLY A 559 -23.72 5.46 -38.79
CA GLY A 559 -24.61 5.62 -39.92
C GLY A 559 -24.15 4.78 -41.08
N GLY A 560 -25.09 4.51 -41.99
CA GLY A 560 -24.77 3.69 -43.14
C GLY A 560 -24.47 2.25 -42.75
N GLN A 561 -23.56 1.65 -43.50
CA GLN A 561 -23.16 0.27 -43.25
C GLN A 561 -21.69 0.10 -43.60
N LEU A 562 -21.06 -0.89 -42.98
CA LEU A 562 -19.67 -1.23 -43.21
C LEU A 562 -19.51 -2.72 -43.50
N LEU A 563 -20.46 -3.29 -44.24
CA LEU A 563 -20.42 -4.71 -44.55
C LEU A 563 -19.22 -5.04 -45.43
N LEU A 564 -18.57 -6.17 -45.14
CA LEU A 564 -17.40 -6.62 -45.87
C LEU A 564 -17.55 -8.09 -46.23
N ASP A 565 -16.97 -8.47 -47.36
CA ASP A 565 -17.01 -9.84 -47.87
C ASP A 565 -18.44 -10.35 -48.04
N GLY A 566 -19.35 -9.46 -48.40
CA GLY A 566 -20.73 -9.82 -48.63
C GLY A 566 -21.55 -10.07 -47.39
N LYS A 567 -21.04 -9.77 -46.21
CA LYS A 567 -21.74 -9.99 -44.96
C LYS A 567 -21.66 -8.74 -44.09
N PRO A 568 -22.68 -8.50 -43.26
CA PRO A 568 -22.63 -7.34 -42.36
C PRO A 568 -21.46 -7.43 -41.39
N LEU A 569 -20.86 -6.27 -41.12
CA LEU A 569 -19.71 -6.23 -40.21
C LEU A 569 -20.05 -6.67 -38.78
N PRO A 570 -21.11 -6.16 -38.14
CA PRO A 570 -21.38 -6.57 -36.75
C PRO A 570 -22.23 -7.82 -36.62
N GLN A 571 -22.42 -8.60 -37.69
CA GLN A 571 -23.25 -9.79 -37.61
C GLN A 571 -22.45 -11.07 -37.41
N TYR A 572 -21.16 -11.06 -37.72
CA TYR A 572 -20.34 -12.25 -37.56
C TYR A 572 -20.05 -12.51 -36.09
N GLU A 573 -19.67 -13.75 -35.78
CA GLU A 573 -19.38 -14.13 -34.41
C GLU A 573 -18.12 -13.41 -33.93
N HIS A 574 -18.18 -12.89 -32.71
CA HIS A 574 -17.05 -12.12 -32.17
C HIS A 574 -15.83 -13.01 -31.94
N ARG A 575 -16.04 -14.27 -31.56
CA ARG A 575 -14.92 -15.15 -31.24
C ARG A 575 -14.06 -15.41 -32.47
N TYR A 576 -14.70 -15.66 -33.63
CA TYR A 576 -13.94 -15.99 -34.82
C TYR A 576 -13.51 -14.76 -35.61
N LEU A 577 -14.21 -13.63 -35.44
CA LEU A 577 -13.86 -12.43 -36.19
C LEU A 577 -12.58 -11.79 -35.64
N HIS A 578 -12.43 -11.76 -34.32
CA HIS A 578 -11.27 -11.11 -33.72
C HIS A 578 -9.97 -11.81 -34.07
N ARG A 579 -10.03 -13.08 -34.47
CA ARG A 579 -8.85 -13.85 -34.84
C ARG A 579 -8.63 -13.89 -36.35
N GLN A 580 -9.39 -13.11 -37.12
CA GLN A 580 -9.23 -13.06 -38.56
C GLN A 580 -9.22 -11.66 -39.14
N VAL A 581 -9.42 -10.62 -38.32
CA VAL A 581 -9.46 -9.24 -38.79
C VAL A 581 -8.56 -8.32 -37.99
N ALA A 582 -7.90 -8.81 -36.95
CA ALA A 582 -7.03 -7.98 -36.13
C ALA A 582 -5.60 -8.01 -36.66
N ALA A 583 -4.76 -7.14 -36.09
CA ALA A 583 -3.37 -7.02 -36.49
C ALA A 583 -2.61 -6.33 -35.37
N VAL A 584 -1.37 -5.93 -35.66
CA VAL A 584 -0.52 -5.29 -34.67
C VAL A 584 -1.13 -3.97 -34.23
N GLY A 585 -1.08 -3.70 -32.93
CA GLY A 585 -1.65 -2.48 -32.40
C GLY A 585 -0.78 -1.26 -32.65
N GLN A 586 -1.33 -0.10 -32.31
CA GLN A 586 -0.62 1.16 -32.50
C GLN A 586 0.47 1.38 -31.46
N GLU A 587 0.40 0.70 -30.32
CA GLU A 587 1.40 0.82 -29.26
C GLU A 587 1.90 -0.57 -28.89
N PRO A 588 3.00 -1.03 -29.48
CA PRO A 588 3.50 -2.38 -29.18
C PRO A 588 3.87 -2.51 -27.70
N GLN A 589 3.56 -3.67 -27.13
CA GLN A 589 3.86 -3.95 -25.74
C GLN A 589 3.93 -5.46 -25.55
N VAL A 590 4.56 -5.87 -24.45
CA VAL A 590 4.70 -7.27 -24.11
C VAL A 590 4.13 -7.49 -22.72
N PHE A 591 3.28 -8.51 -22.58
CA PHE A 591 2.66 -8.81 -21.30
C PHE A 591 3.64 -9.53 -20.38
N GLY A 592 3.23 -9.77 -19.15
CA GLY A 592 4.06 -10.45 -18.18
C GLY A 592 4.09 -11.95 -18.29
N ARG A 593 3.36 -12.53 -19.24
CA ARG A 593 3.34 -13.97 -19.42
C ARG A 593 4.62 -14.42 -20.14
N SER A 594 4.72 -15.72 -20.39
CA SER A 594 5.86 -16.26 -21.10
C SER A 594 5.87 -15.79 -22.55
N LEU A 595 7.07 -15.73 -23.13
CA LEU A 595 7.22 -15.28 -24.51
C LEU A 595 6.46 -16.20 -25.47
N GLN A 596 6.54 -17.51 -25.25
CA GLN A 596 5.79 -18.45 -26.07
C GLN A 596 4.29 -18.22 -25.96
N GLU A 597 3.83 -17.66 -24.84
CA GLU A 597 2.45 -17.26 -24.68
C GLU A 597 2.20 -15.81 -25.01
N ASN A 598 3.18 -14.93 -24.78
CA ASN A 598 3.01 -13.52 -25.13
C ASN A 598 2.86 -13.33 -26.63
N ILE A 599 3.62 -14.09 -27.43
CA ILE A 599 3.55 -13.96 -28.88
C ILE A 599 2.33 -14.64 -29.48
N ALA A 600 1.46 -15.23 -28.64
CA ALA A 600 0.25 -15.86 -29.12
C ALA A 600 -0.94 -15.56 -28.21
N TYR A 601 -0.98 -14.36 -27.63
CA TYR A 601 -2.04 -14.02 -26.71
C TYR A 601 -3.39 -13.99 -27.42
N GLY A 602 -4.44 -14.28 -26.67
CA GLY A 602 -5.79 -14.28 -27.22
C GLY A 602 -6.07 -15.42 -28.17
N LEU A 603 -5.31 -16.52 -28.09
CA LEU A 603 -5.48 -17.65 -28.97
C LEU A 603 -6.33 -18.73 -28.29
N THR A 604 -7.33 -19.23 -29.00
CA THR A 604 -8.16 -20.31 -28.47
C THR A 604 -7.35 -21.57 -28.26
N GLN A 605 -6.49 -21.90 -29.22
CA GLN A 605 -5.63 -23.08 -29.14
C GLN A 605 -4.18 -22.65 -29.22
N LYS A 606 -3.36 -23.15 -28.31
CA LYS A 606 -1.94 -22.79 -28.29
C LYS A 606 -1.24 -23.35 -29.54
N PRO A 607 -0.53 -22.52 -30.29
CA PRO A 607 0.16 -23.02 -31.48
C PRO A 607 1.34 -23.91 -31.13
N THR A 608 1.70 -24.77 -32.08
CA THR A 608 2.85 -25.64 -31.91
C THR A 608 4.15 -24.84 -32.01
N MET A 609 5.25 -25.46 -31.57
CA MET A 609 6.54 -24.81 -31.61
C MET A 609 6.96 -24.48 -33.04
N GLU A 610 6.74 -25.43 -33.96
CA GLU A 610 7.09 -25.18 -35.36
C GLU A 610 6.25 -24.04 -35.94
N GLU A 611 4.95 -24.02 -35.64
CA GLU A 611 4.09 -22.95 -36.13
C GLU A 611 4.53 -21.60 -35.57
N ILE A 612 4.85 -21.55 -34.28
CA ILE A 612 5.29 -20.29 -33.68
C ILE A 612 6.60 -19.82 -34.30
N THR A 613 7.53 -20.75 -34.52
CA THR A 613 8.80 -20.40 -35.15
C THR A 613 8.59 -19.88 -36.56
N ALA A 614 7.70 -20.53 -37.32
CA ALA A 614 7.42 -20.07 -38.68
C ALA A 614 6.79 -18.69 -38.68
N ALA A 615 5.85 -18.44 -37.76
CA ALA A 615 5.23 -17.13 -37.67
C ALA A 615 6.25 -16.06 -37.30
N ALA A 616 7.15 -16.37 -36.37
CA ALA A 616 8.19 -15.41 -36.00
C ALA A 616 9.13 -15.14 -37.16
N VAL A 617 9.50 -16.18 -37.91
CA VAL A 617 10.41 -16.01 -39.04
C VAL A 617 9.76 -15.16 -40.13
N LYS A 618 8.48 -15.42 -40.41
CA LYS A 618 7.76 -14.61 -41.40
C LYS A 618 7.69 -13.15 -40.96
N SER A 619 7.61 -12.90 -39.66
CA SER A 619 7.62 -11.55 -39.11
C SER A 619 9.01 -11.08 -38.72
N GLY A 620 10.03 -11.90 -38.93
CA GLY A 620 11.39 -11.53 -38.56
C GLY A 620 11.71 -11.67 -37.09
N ALA A 621 10.80 -12.25 -36.30
CA ALA A 621 11.00 -12.40 -34.86
C ALA A 621 11.71 -13.70 -34.49
N HIS A 622 12.07 -14.53 -35.47
CA HIS A 622 12.78 -15.76 -35.17
C HIS A 622 14.16 -15.48 -34.57
N SER A 623 14.85 -14.46 -35.08
CA SER A 623 16.16 -14.11 -34.54
C SER A 623 16.05 -13.65 -33.09
N PHE A 624 15.03 -12.86 -32.78
CA PHE A 624 14.84 -12.40 -31.40
C PHE A 624 14.55 -13.57 -30.47
N ILE A 625 13.75 -14.54 -30.93
CA ILE A 625 13.45 -15.70 -30.10
C ILE A 625 14.70 -16.54 -29.89
N SER A 626 15.49 -16.76 -30.95
CA SER A 626 16.70 -17.55 -30.81
C SER A 626 17.71 -16.88 -29.90
N GLY A 627 17.86 -15.56 -30.02
CA GLY A 627 18.81 -14.84 -29.19
C GLY A 627 18.41 -14.70 -27.74
N LEU A 628 17.11 -14.80 -27.45
CA LEU A 628 16.65 -14.73 -26.08
C LEU A 628 17.09 -15.98 -25.31
N PRO A 629 17.50 -15.82 -24.05
CA PRO A 629 17.93 -16.99 -23.27
C PRO A 629 16.77 -17.94 -22.99
N GLN A 630 17.12 -19.22 -22.86
CA GLN A 630 16.19 -20.30 -22.53
C GLN A 630 15.09 -20.47 -23.58
N GLY A 631 15.33 -19.98 -24.80
CA GLY A 631 14.37 -20.17 -25.87
C GLY A 631 13.06 -19.43 -25.62
N TYR A 632 11.99 -20.00 -26.18
CA TYR A 632 10.66 -19.41 -26.04
C TYR A 632 10.09 -19.54 -24.64
N ASP A 633 10.70 -20.35 -23.78
CA ASP A 633 10.20 -20.53 -22.41
C ASP A 633 10.48 -19.33 -21.52
N THR A 634 11.30 -18.40 -21.96
CA THR A 634 11.60 -17.22 -21.15
C THR A 634 10.36 -16.35 -21.01
N GLU A 635 10.22 -15.71 -19.85
CA GLU A 635 9.09 -14.85 -19.55
C GLU A 635 9.50 -13.40 -19.67
N VAL A 636 8.77 -12.64 -20.49
CA VAL A 636 9.08 -11.23 -20.68
C VAL A 636 8.64 -10.44 -19.45
N ASP A 637 9.26 -9.28 -19.25
CA ASP A 637 8.94 -8.44 -18.11
C ASP A 637 7.54 -7.88 -18.22
N GLU A 638 6.92 -7.64 -17.07
CA GLU A 638 5.55 -7.16 -17.04
C GLU A 638 5.44 -5.76 -17.64
N ALA A 639 4.44 -5.55 -18.48
CA ALA A 639 4.16 -4.26 -19.11
C ALA A 639 5.36 -3.72 -19.88
N GLY A 640 6.15 -4.62 -20.46
CA GLY A 640 7.33 -4.20 -21.22
C GLY A 640 8.37 -3.47 -20.38
N SER A 641 8.62 -3.96 -19.16
CA SER A 641 9.58 -3.28 -18.29
C SER A 641 11.01 -3.41 -18.82
N GLN A 642 11.34 -4.54 -19.45
CA GLN A 642 12.69 -4.76 -19.97
C GLN A 642 12.68 -4.99 -21.48
N LEU A 643 11.64 -4.54 -22.17
CA LEU A 643 11.52 -4.76 -23.60
C LEU A 643 12.30 -3.70 -24.37
N SER A 644 12.34 -3.87 -25.70
CA SER A 644 12.99 -2.94 -26.60
C SER A 644 12.06 -2.65 -27.77
N GLY A 645 12.30 -1.53 -28.45
CA GLY A 645 11.42 -1.13 -29.53
C GLY A 645 11.38 -2.15 -30.66
N GLY A 646 12.56 -2.61 -31.09
CA GLY A 646 12.60 -3.62 -32.14
C GLY A 646 11.99 -4.94 -31.69
N GLN A 647 12.31 -5.37 -30.47
CA GLN A 647 11.73 -6.60 -29.94
C GLN A 647 10.22 -6.47 -29.81
N ARG A 648 9.74 -5.33 -29.33
CA ARG A 648 8.30 -5.12 -29.21
C ARG A 648 7.63 -5.15 -30.57
N GLN A 649 8.23 -4.50 -31.57
CA GLN A 649 7.66 -4.52 -32.91
C GLN A 649 7.62 -5.92 -33.48
N ALA A 650 8.70 -6.69 -33.28
CA ALA A 650 8.72 -8.07 -33.77
C ALA A 650 7.66 -8.92 -33.08
N VAL A 651 7.49 -8.73 -31.77
CA VAL A 651 6.49 -9.50 -31.03
C VAL A 651 5.09 -9.14 -31.50
N ALA A 652 4.84 -7.85 -31.74
CA ALA A 652 3.53 -7.43 -32.24
C ALA A 652 3.26 -8.00 -33.62
N LEU A 653 4.26 -7.99 -34.51
CA LEU A 653 4.09 -8.56 -35.83
C LEU A 653 3.80 -10.06 -35.76
N ALA A 654 4.51 -10.77 -34.87
CA ALA A 654 4.28 -12.20 -34.71
C ALA A 654 2.88 -12.47 -34.18
N ARG A 655 2.44 -11.68 -33.19
CA ARG A 655 1.09 -11.86 -32.65
C ARG A 655 0.03 -11.56 -33.70
N ALA A 656 0.31 -10.62 -34.59
CA ALA A 656 -0.63 -10.33 -35.67
C ALA A 656 -0.69 -11.47 -36.68
N LEU A 657 0.48 -11.97 -37.10
CA LEU A 657 0.53 -12.92 -38.19
C LEU A 657 0.32 -14.37 -37.74
N ILE A 658 0.26 -14.64 -36.44
CA ILE A 658 0.06 -16.01 -36.00
C ILE A 658 -1.31 -16.53 -36.40
N ARG A 659 -2.32 -15.66 -36.39
CA ARG A 659 -3.71 -16.07 -36.63
C ARG A 659 -4.08 -16.13 -38.10
N LYS A 660 -3.14 -15.80 -39.00
CA LYS A 660 -3.39 -15.74 -40.44
C LYS A 660 -4.60 -14.85 -40.72
N PRO A 661 -4.49 -13.54 -40.48
CA PRO A 661 -5.66 -12.66 -40.63
C PRO A 661 -6.08 -12.51 -42.08
N CYS A 662 -7.38 -12.27 -42.26
CA CYS A 662 -7.95 -11.97 -43.57
C CYS A 662 -7.98 -10.47 -43.86
N VAL A 663 -7.49 -9.65 -42.94
CA VAL A 663 -7.38 -8.20 -43.15
C VAL A 663 -6.26 -7.70 -42.26
N LEU A 664 -5.54 -6.69 -42.74
CA LEU A 664 -4.40 -6.13 -42.03
C LEU A 664 -4.71 -4.69 -41.61
N ILE A 665 -4.55 -4.41 -40.32
CA ILE A 665 -4.77 -3.07 -39.79
C ILE A 665 -3.49 -2.58 -39.11
N LEU A 666 -2.35 -3.04 -39.60
CA LEU A 666 -1.07 -2.67 -39.00
C LEU A 666 -0.78 -1.20 -39.21
N ASP A 667 -0.45 -0.50 -38.12
CA ASP A 667 -0.14 0.92 -38.20
C ASP A 667 0.71 1.30 -37.00
N ASP A 668 1.62 2.26 -37.21
CA ASP A 668 2.48 2.81 -36.17
C ASP A 668 3.44 1.77 -35.61
N ALA A 669 3.44 0.57 -36.19
CA ALA A 669 4.37 -0.47 -35.73
C ALA A 669 5.81 -0.09 -36.04
N THR A 670 6.06 0.44 -37.24
CA THR A 670 7.41 0.86 -37.61
C THR A 670 7.81 2.18 -36.97
N SER A 671 6.83 2.97 -36.50
CA SER A 671 7.15 4.23 -35.83
C SER A 671 7.93 3.97 -34.55
N ALA A 672 7.52 2.97 -33.76
CA ALA A 672 8.27 2.59 -32.58
C ALA A 672 9.50 1.76 -32.94
N LEU A 673 9.48 1.08 -34.09
CA LEU A 673 10.59 0.25 -34.52
C LEU A 673 11.69 1.11 -35.12
N ASP A 674 12.85 0.49 -35.33
CA ASP A 674 14.00 1.18 -35.89
C ASP A 674 13.90 1.23 -37.42
N ALA A 675 14.84 1.98 -38.01
CA ALA A 675 14.87 2.09 -39.47
C ALA A 675 15.13 0.75 -40.13
N ASN A 676 16.08 -0.03 -39.60
CA ASN A 676 16.35 -1.36 -40.14
C ASN A 676 15.14 -2.27 -39.97
N SER A 677 14.49 -2.23 -38.80
CA SER A 677 13.31 -3.04 -38.58
C SER A 677 12.17 -2.61 -39.51
N GLN A 678 12.01 -1.31 -39.72
CA GLN A 678 10.98 -0.83 -40.64
C GLN A 678 11.25 -1.30 -42.06
N LEU A 679 12.51 -1.24 -42.49
CA LEU A 679 12.87 -1.71 -43.82
C LEU A 679 12.61 -3.21 -43.96
N GLN A 680 12.96 -3.98 -42.93
CA GLN A 680 12.71 -5.42 -42.96
C GLN A 680 11.22 -5.71 -43.02
N VAL A 681 10.41 -4.97 -42.26
CA VAL A 681 8.96 -5.18 -42.28
C VAL A 681 8.40 -4.86 -43.66
N GLU A 682 8.85 -3.75 -44.25
CA GLU A 682 8.39 -3.38 -45.59
C GLU A 682 8.79 -4.44 -46.62
N GLN A 683 10.02 -4.94 -46.54
CA GLN A 683 10.47 -5.96 -47.47
C GLN A 683 9.66 -7.25 -47.30
N LEU A 684 9.36 -7.63 -46.06
CA LEU A 684 8.55 -8.82 -45.83
C LEU A 684 7.15 -8.65 -46.36
N LEU A 685 6.57 -7.46 -46.17
CA LEU A 685 5.23 -7.20 -46.70
C LEU A 685 5.21 -7.24 -48.22
N TYR A 686 6.25 -6.70 -48.86
CA TYR A 686 6.30 -6.68 -50.32
C TYR A 686 6.64 -8.05 -50.90
N GLU A 687 7.35 -8.88 -50.16
CA GLU A 687 7.81 -10.18 -50.64
C GLU A 687 6.86 -11.32 -50.31
N SER A 688 5.70 -11.03 -49.72
CA SER A 688 4.75 -12.07 -49.39
C SER A 688 4.21 -12.70 -50.68
N PRO A 689 3.78 -13.97 -50.62
CA PRO A 689 3.31 -14.64 -51.83
C PRO A 689 2.10 -13.93 -52.45
N GLU A 690 2.28 -13.45 -53.67
CA GLU A 690 1.25 -12.71 -54.40
C GLU A 690 0.71 -11.55 -53.56
N ARG A 691 1.63 -10.79 -52.97
CA ARG A 691 1.30 -9.69 -52.07
C ARG A 691 0.41 -10.18 -50.92
N TYR A 692 0.77 -11.34 -50.37
CA TYR A 692 0.11 -11.97 -49.23
C TYR A 692 -1.26 -12.53 -49.59
N SER A 693 -1.70 -12.29 -50.83
CA SER A 693 -2.99 -12.81 -51.33
C SER A 693 -4.14 -12.42 -50.41
N ARG A 694 -4.05 -11.25 -49.80
CA ARG A 694 -5.06 -10.79 -48.86
C ARG A 694 -5.05 -9.26 -48.83
N SER A 695 -6.01 -8.70 -48.09
CA SER A 695 -6.20 -7.25 -48.05
C SER A 695 -5.39 -6.65 -46.91
N VAL A 696 -4.68 -5.56 -47.22
CA VAL A 696 -3.93 -4.79 -46.23
C VAL A 696 -4.30 -3.33 -46.40
N LEU A 697 -4.65 -2.67 -45.29
CA LEU A 697 -5.03 -1.26 -45.27
C LEU A 697 -4.18 -0.50 -44.26
N LEU A 698 -2.86 -0.73 -44.32
CA LEU A 698 -1.96 -0.18 -43.32
C LEU A 698 -1.95 1.34 -43.36
N ILE A 699 -2.02 1.96 -42.18
CA ILE A 699 -1.88 3.41 -42.04
C ILE A 699 -0.41 3.67 -41.75
N THR A 700 0.37 3.81 -42.82
CA THR A 700 1.80 3.99 -42.68
C THR A 700 2.14 5.40 -42.22
N GLN A 701 3.29 5.54 -41.56
CA GLN A 701 3.78 6.83 -41.10
C GLN A 701 4.86 7.41 -42.00
N HIS A 702 5.46 6.61 -42.87
CA HIS A 702 6.51 7.05 -43.79
C HIS A 702 6.10 6.74 -45.22
N LEU A 703 6.47 7.65 -46.14
CA LEU A 703 6.11 7.49 -47.54
C LEU A 703 6.83 6.33 -48.22
N SER A 704 7.87 5.78 -47.60
CA SER A 704 8.57 4.65 -48.20
C SER A 704 7.64 3.45 -48.38
N LEU A 705 6.81 3.18 -47.37
CA LEU A 705 5.84 2.09 -47.49
C LEU A 705 4.72 2.46 -48.48
N VAL A 706 4.33 3.73 -48.52
CA VAL A 706 3.27 4.17 -49.41
C VAL A 706 3.71 4.26 -50.86
N GLU A 707 5.01 4.16 -51.12
CA GLU A 707 5.50 4.22 -52.50
C GLU A 707 4.94 3.09 -53.34
N GLN A 708 4.89 1.87 -52.77
CA GLN A 708 4.41 0.70 -53.49
C GLN A 708 2.92 0.45 -53.25
N ALA A 709 2.18 1.48 -52.83
CA ALA A 709 0.75 1.31 -52.56
C ALA A 709 -0.01 1.10 -53.86
N ASP A 710 -1.00 0.19 -53.80
CA ASP A 710 -1.85 -0.05 -54.96
C ASP A 710 -2.67 1.19 -55.33
N HIS A 711 -3.23 1.86 -54.31
CA HIS A 711 -4.00 3.08 -54.55
C HIS A 711 -3.96 3.89 -53.25
N ILE A 712 -3.11 4.90 -53.21
CA ILE A 712 -3.00 5.78 -52.05
C ILE A 712 -4.21 6.69 -52.00
N LEU A 713 -4.54 7.17 -50.80
CA LEU A 713 -5.68 8.05 -50.61
C LEU A 713 -5.42 8.95 -49.41
N PHE A 714 -6.05 10.12 -49.45
CA PHE A 714 -5.99 11.11 -48.38
C PHE A 714 -7.37 11.69 -48.14
N LEU A 715 -7.71 11.89 -46.86
CA LEU A 715 -9.03 12.31 -46.45
C LEU A 715 -8.97 13.68 -45.80
N GLU A 716 -10.07 14.42 -45.93
CA GLU A 716 -10.18 15.74 -45.32
C GLU A 716 -11.66 16.03 -45.09
N GLY A 717 -11.96 16.65 -43.95
CA GLY A 717 -13.34 16.96 -43.63
C GLY A 717 -14.18 15.76 -43.28
N GLY A 718 -13.57 14.67 -42.82
CA GLY A 718 -14.29 13.47 -42.48
C GLY A 718 -14.56 12.52 -43.63
N ALA A 719 -14.06 12.82 -44.82
CA ALA A 719 -14.25 11.95 -45.97
C ALA A 719 -13.00 11.99 -46.84
N ILE A 720 -12.84 10.96 -47.68
CA ILE A 720 -11.70 10.90 -48.57
C ILE A 720 -11.80 12.02 -49.59
N ARG A 721 -10.75 12.84 -49.67
CA ARG A 721 -10.75 14.00 -50.54
C ARG A 721 -9.82 13.89 -51.74
N GLU A 722 -8.87 12.96 -51.73
CA GLU A 722 -7.98 12.78 -52.87
C GLU A 722 -7.46 11.35 -52.86
N GLY A 723 -6.95 10.93 -54.01
CA GLY A 723 -6.39 9.59 -54.09
C GLY A 723 -5.91 9.29 -55.50
N GLY A 724 -5.40 8.08 -55.66
CA GLY A 724 -4.91 7.58 -56.93
C GLY A 724 -3.62 6.83 -56.76
N THR A 725 -2.96 6.57 -57.88
CA THR A 725 -1.70 5.85 -57.86
C THR A 725 -0.61 6.68 -57.18
N HIS A 726 0.32 6.00 -56.51
CA HIS A 726 1.40 6.68 -55.82
C HIS A 726 2.28 7.44 -56.79
N GLN A 727 2.61 6.83 -57.94
CA GLN A 727 3.40 7.53 -58.94
C GLN A 727 2.65 8.74 -59.50
N GLN A 728 1.35 8.58 -59.78
CA GLN A 728 0.55 9.70 -60.25
C GLN A 728 0.43 10.77 -59.18
N LEU A 729 0.24 10.37 -57.93
CA LEU A 729 0.10 11.34 -56.83
C LEU A 729 1.39 12.13 -56.64
N MET A 730 2.54 11.47 -56.73
CA MET A 730 3.82 12.14 -56.52
C MET A 730 4.31 12.90 -57.74
N GLU A 731 3.63 12.76 -58.89
CA GLU A 731 4.02 13.44 -60.11
C GLU A 731 2.88 14.30 -60.65
N LYS A 732 2.14 14.94 -59.76
CA LYS A 732 1.01 15.79 -60.13
C LYS A 732 0.75 16.77 -58.99
N LYS A 733 -0.43 17.39 -59.02
CA LYS A 733 -0.83 18.33 -57.98
C LYS A 733 -1.42 17.65 -56.75
N GLY A 734 -1.20 16.35 -56.59
CA GLY A 734 -1.76 15.63 -55.47
C GLY A 734 -1.06 15.96 -54.16
N CYS A 735 -1.64 15.43 -53.07
CA CYS A 735 -1.10 15.70 -51.74
C CYS A 735 0.27 15.07 -51.54
N TYR A 736 0.50 13.90 -52.12
CA TYR A 736 1.79 13.22 -51.93
C TYR A 736 2.93 14.04 -52.53
N TRP A 737 2.75 14.58 -53.73
CA TRP A 737 3.80 15.40 -54.34
C TRP A 737 4.04 16.67 -53.54
N ALA A 738 2.97 17.30 -53.03
CA ALA A 738 3.15 18.50 -52.22
C ALA A 738 3.91 18.19 -50.95
N MET A 739 3.61 17.06 -50.30
CA MET A 739 4.33 16.67 -49.09
C MET A 739 5.79 16.37 -49.39
N VAL A 740 6.06 15.69 -50.52
CA VAL A 740 7.43 15.37 -50.87
C VAL A 740 8.23 16.63 -51.16
N GLN A 741 7.64 17.57 -51.92
CA GLN A 741 8.34 18.81 -52.24
C GLN A 741 8.56 19.66 -50.99
N ALA A 742 7.57 19.73 -50.11
CA ALA A 742 7.68 20.52 -48.89
C ALA A 742 8.66 19.88 -47.91
N GLN B 131 21.51 -15.35 18.65
CA GLN B 131 22.83 -14.88 18.30
C GLN B 131 23.20 -13.65 19.10
N VAL B 132 24.45 -13.19 18.96
CA VAL B 132 24.89 -11.97 19.62
C VAL B 132 24.38 -10.73 18.91
N ASN B 133 23.94 -10.86 17.65
CA ASN B 133 23.37 -9.72 16.94
C ASN B 133 22.11 -9.21 17.63
N ASN B 134 21.30 -10.12 18.16
CA ASN B 134 20.12 -9.70 18.91
C ASN B 134 20.51 -8.91 20.16
N LYS B 135 21.56 -9.35 20.85
CA LYS B 135 22.02 -8.62 22.03
C LYS B 135 22.53 -7.23 21.64
N VAL B 136 23.24 -7.14 20.51
CA VAL B 136 23.73 -5.85 20.04
C VAL B 136 22.55 -4.92 19.73
N LEU B 137 21.54 -5.44 19.04
CA LEU B 137 20.37 -4.63 18.71
C LEU B 137 19.63 -4.20 19.97
N MET B 138 19.51 -5.10 20.95
CA MET B 138 18.85 -4.75 22.20
C MET B 138 19.61 -3.66 22.93
N TRP B 139 20.94 -3.74 22.96
CA TRP B 139 21.74 -2.70 23.60
C TRP B 139 21.58 -1.36 22.87
N ARG B 140 21.55 -1.39 21.54
CA ARG B 140 21.36 -0.15 20.79
C ARG B 140 19.99 0.46 21.08
N LEU B 141 18.96 -0.39 21.17
CA LEU B 141 17.63 0.11 21.47
C LEU B 141 17.54 0.65 22.90
N LEU B 142 18.26 0.05 23.84
CA LEU B 142 18.34 0.62 25.19
C LEU B 142 19.01 1.99 25.16
N LYS B 143 20.12 2.11 24.43
CA LYS B 143 20.85 3.37 24.40
C LYS B 143 20.06 4.46 23.67
N LEU B 144 19.20 4.08 22.73
CA LEU B 144 18.38 5.08 22.05
C LEU B 144 17.40 5.75 22.99
N SER B 145 17.00 5.06 24.06
CA SER B 145 16.02 5.59 25.01
C SER B 145 16.66 6.15 26.27
N ARG B 146 17.94 6.55 26.19
CA ARG B 146 18.60 7.11 27.37
C ARG B 146 17.97 8.39 27.89
N PRO B 147 17.56 9.36 27.07
CA PRO B 147 16.99 10.60 27.63
C PRO B 147 15.58 10.48 28.18
N ASP B 148 15.07 9.26 28.39
CA ASP B 148 13.73 9.07 28.94
C ASP B 148 13.76 8.50 30.36
N LEU B 149 14.81 8.77 31.12
CA LEU B 149 14.88 8.28 32.49
C LEU B 149 13.79 8.83 33.40
N PRO B 150 13.53 10.15 33.45
CA PRO B 150 12.49 10.64 34.38
C PRO B 150 11.11 10.11 34.11
N LEU B 151 10.81 9.69 32.87
CA LEU B 151 9.52 9.09 32.57
C LEU B 151 9.51 7.59 32.85
N LEU B 152 10.59 6.90 32.49
CA LEU B 152 10.64 5.46 32.72
C LEU B 152 10.66 5.12 34.20
N VAL B 153 11.28 5.96 35.02
CA VAL B 153 11.29 5.71 36.46
C VAL B 153 9.88 5.77 37.02
N ALA B 154 9.13 6.81 36.66
CA ALA B 154 7.75 6.92 37.12
C ALA B 154 6.88 5.78 36.61
N ALA B 155 7.09 5.38 35.35
CA ALA B 155 6.32 4.29 34.78
C ALA B 155 6.58 2.98 35.51
N PHE B 156 7.86 2.67 35.77
CA PHE B 156 8.22 1.43 36.44
C PHE B 156 7.96 1.47 37.93
N PHE B 157 7.67 2.65 38.49
CA PHE B 157 7.18 2.71 39.87
C PHE B 157 5.67 2.46 39.92
N PHE B 158 4.92 3.11 39.03
CA PHE B 158 3.47 2.94 39.01
C PHE B 158 3.09 1.51 38.62
N LEU B 159 3.86 0.89 37.73
CA LEU B 159 3.57 -0.50 37.35
C LEU B 159 3.68 -1.42 38.56
N VAL B 160 4.74 -1.27 39.34
CA VAL B 160 4.94 -2.10 40.53
C VAL B 160 3.82 -1.86 41.52
N LEU B 161 3.46 -0.60 41.75
CA LEU B 161 2.38 -0.29 42.68
C LEU B 161 1.08 -0.95 42.23
N ALA B 162 0.75 -0.86 40.95
CA ALA B 162 -0.49 -1.43 40.45
C ALA B 162 -0.51 -2.95 40.57
N VAL B 163 0.60 -3.60 40.23
CA VAL B 163 0.65 -5.06 40.33
C VAL B 163 0.48 -5.50 41.78
N LEU B 164 1.21 -4.85 42.69
CA LEU B 164 1.12 -5.21 44.10
C LEU B 164 -0.28 -4.97 44.65
N GLY B 165 -0.95 -3.91 44.18
CA GLY B 165 -2.33 -3.68 44.61
C GLY B 165 -3.29 -4.75 44.10
N GLU B 166 -3.17 -5.11 42.82
CA GLU B 166 -4.09 -6.09 42.24
C GLU B 166 -3.84 -7.51 42.74
N THR B 167 -2.66 -7.81 43.29
CA THR B 167 -2.42 -9.18 43.74
C THR B 167 -3.23 -9.52 44.99
N LEU B 168 -3.43 -8.56 45.89
CA LEU B 168 -3.85 -8.85 47.26
C LEU B 168 -5.36 -8.82 47.49
N ILE B 169 -6.17 -8.44 46.50
CA ILE B 169 -7.61 -8.29 46.75
C ILE B 169 -8.29 -9.60 47.09
N PRO B 170 -8.14 -10.68 46.33
CA PRO B 170 -8.88 -11.91 46.65
C PRO B 170 -8.57 -12.48 48.03
N HIS B 171 -7.36 -12.25 48.56
CA HIS B 171 -7.05 -12.70 49.91
C HIS B 171 -7.96 -12.02 50.92
N TYR B 172 -8.15 -10.71 50.79
CA TYR B 172 -9.04 -10.00 51.71
C TYR B 172 -10.49 -10.37 51.46
N SER B 173 -10.86 -10.66 50.21
CA SER B 173 -12.22 -11.14 49.97
C SER B 173 -12.47 -12.46 50.69
N GLY B 174 -11.51 -13.37 50.62
CA GLY B 174 -11.66 -14.64 51.32
C GLY B 174 -11.69 -14.48 52.83
N ARG B 175 -10.87 -13.58 53.36
CA ARG B 175 -10.92 -13.36 54.81
C ARG B 175 -12.23 -12.73 55.24
N VAL B 176 -12.80 -11.84 54.42
CA VAL B 176 -14.12 -11.30 54.73
C VAL B 176 -15.17 -12.40 54.73
N ILE B 177 -15.13 -13.29 53.74
CA ILE B 177 -16.07 -14.39 53.68
C ILE B 177 -15.95 -15.27 54.93
N ASP B 178 -14.71 -15.57 55.33
CA ASP B 178 -14.50 -16.37 56.53
C ASP B 178 -15.00 -15.66 57.79
N ILE B 179 -14.79 -14.34 57.88
CA ILE B 179 -15.21 -13.61 59.07
C ILE B 179 -16.73 -13.59 59.18
N LEU B 180 -17.43 -13.44 58.04
CA LEU B 180 -18.89 -13.38 58.07
C LEU B 180 -19.49 -14.65 58.65
N GLY B 181 -18.98 -15.81 58.24
CA GLY B 181 -19.49 -17.08 58.72
C GLY B 181 -19.27 -17.31 60.20
N ASP B 185 -17.28 -9.96 65.55
CA ASP B 185 -16.12 -9.08 65.68
C ASP B 185 -16.14 -7.99 64.63
N PRO B 186 -16.77 -6.86 64.94
CA PRO B 186 -16.86 -5.77 63.97
C PRO B 186 -15.51 -5.20 63.56
N HIS B 187 -14.52 -5.21 64.45
CA HIS B 187 -13.25 -4.55 64.16
C HIS B 187 -12.53 -5.21 62.98
N ALA B 188 -12.42 -6.54 63.01
CA ALA B 188 -11.72 -7.24 61.93
C ALA B 188 -12.46 -7.08 60.61
N PHE B 189 -13.80 -7.16 60.64
CA PHE B 189 -14.59 -6.98 59.43
C PHE B 189 -14.38 -5.60 58.83
N ALA B 190 -14.44 -4.56 59.67
CA ALA B 190 -14.23 -3.21 59.19
C ALA B 190 -12.83 -3.02 58.63
N SER B 191 -11.82 -3.56 59.32
CA SER B 191 -10.45 -3.43 58.85
C SER B 191 -10.27 -4.09 57.48
N ALA B 192 -10.81 -5.31 57.33
CA ALA B 192 -10.67 -6.01 56.06
C ALA B 192 -11.38 -5.27 54.94
N ILE B 193 -12.59 -4.75 55.19
CA ILE B 193 -13.32 -4.03 54.17
C ILE B 193 -12.56 -2.77 53.75
N PHE B 194 -12.05 -2.02 54.72
CA PHE B 194 -11.32 -0.80 54.41
C PHE B 194 -10.07 -1.10 53.62
N PHE B 195 -9.32 -2.13 54.01
CA PHE B 195 -8.10 -2.47 53.29
C PHE B 195 -8.40 -2.90 51.85
N MET B 196 -9.45 -3.69 51.65
CA MET B 196 -9.81 -4.10 50.30
C MET B 196 -10.17 -2.90 49.44
N CYS B 197 -10.97 -1.98 49.97
CA CYS B 197 -11.34 -0.80 49.20
C CYS B 197 -10.13 0.05 48.86
N LEU B 198 -9.24 0.26 49.84
CA LEU B 198 -8.05 1.08 49.60
C LEU B 198 -7.17 0.47 48.52
N PHE B 199 -6.93 -0.85 48.58
CA PHE B 199 -6.11 -1.49 47.57
C PHE B 199 -6.74 -1.39 46.19
N SER B 200 -8.05 -1.61 46.11
CA SER B 200 -8.72 -1.51 44.81
C SER B 200 -8.56 -0.12 44.22
N PHE B 201 -8.78 0.93 45.02
CA PHE B 201 -8.69 2.28 44.50
C PHE B 201 -7.26 2.62 44.07
N GLY B 202 -6.27 2.26 44.90
CA GLY B 202 -4.89 2.57 44.55
C GLY B 202 -4.46 1.87 43.27
N SER B 203 -4.83 0.59 43.12
CA SER B 203 -4.50 -0.12 41.90
C SER B 203 -5.18 0.51 40.69
N SER B 204 -6.44 0.93 40.85
CA SER B 204 -7.14 1.57 39.75
C SER B 204 -6.44 2.84 39.29
N LEU B 205 -5.94 3.63 40.23
CA LEU B 205 -5.24 4.86 39.86
C LEU B 205 -3.91 4.56 39.17
N SER B 206 -3.13 3.64 39.73
CA SER B 206 -1.81 3.35 39.17
C SER B 206 -1.92 2.75 37.78
N ALA B 207 -2.96 1.94 37.54
CA ALA B 207 -3.13 1.30 36.23
C ALA B 207 -3.39 2.31 35.12
N GLY B 208 -3.73 3.54 35.45
CA GLY B 208 -3.92 4.57 34.45
C GLY B 208 -2.72 5.47 34.33
N CYS B 209 -2.11 5.80 35.49
CA CYS B 209 -0.91 6.62 35.46
C CYS B 209 0.20 5.95 34.66
N ARG B 210 0.39 4.64 34.87
CA ARG B 210 1.43 3.91 34.14
C ARG B 210 1.19 3.95 32.64
N GLY B 211 -0.06 3.74 32.22
CA GLY B 211 -0.37 3.76 30.81
C GLY B 211 -0.11 5.11 30.17
N GLY B 212 -0.48 6.19 30.85
CA GLY B 212 -0.21 7.52 30.32
C GLY B 212 1.28 7.77 30.15
N CYS B 213 2.07 7.42 31.18
CA CYS B 213 3.51 7.63 31.09
C CYS B 213 4.12 6.82 29.94
N PHE B 214 3.71 5.57 29.79
CA PHE B 214 4.29 4.74 28.74
C PHE B 214 3.90 5.22 27.34
N THR B 215 2.65 5.71 27.19
CA THR B 215 2.26 6.26 25.90
C THR B 215 3.12 7.46 25.53
N TYR B 216 3.34 8.37 26.49
CA TYR B 216 4.18 9.53 26.19
C TYR B 216 5.61 9.11 25.83
N THR B 217 6.15 8.14 26.56
CA THR B 217 7.51 7.68 26.26
C THR B 217 7.59 7.09 24.85
N MET B 218 6.60 6.31 24.46
CA MET B 218 6.59 5.72 23.13
C MET B 218 6.60 6.81 22.09
N SER B 219 5.71 7.78 22.23
CA SER B 219 5.65 8.86 21.25
C SER B 219 6.98 9.59 21.14
N ARG B 220 7.62 9.87 22.27
CA ARG B 220 8.91 10.56 22.24
C ARG B 220 9.95 9.75 21.48
N ILE B 221 10.01 8.44 21.74
CA ILE B 221 11.00 7.60 21.07
C ILE B 221 10.76 7.58 19.56
N ASN B 222 9.49 7.49 19.15
CA ASN B 222 9.17 7.48 17.73
C ASN B 222 9.62 8.77 17.05
N LEU B 223 9.27 9.91 17.65
CA LEU B 223 9.66 11.19 17.05
C LEU B 223 11.17 11.38 17.05
N ARG B 224 11.87 10.77 18.00
CA ARG B 224 13.33 10.90 18.00
C ARG B 224 13.97 10.04 16.91
N ILE B 225 13.46 8.81 16.71
CA ILE B 225 14.11 7.94 15.73
C ILE B 225 13.83 8.40 14.30
N ARG B 226 12.63 8.94 14.04
CA ARG B 226 12.33 9.35 12.66
C ARG B 226 13.29 10.43 12.17
N GLU B 227 13.60 11.41 13.02
CA GLU B 227 14.48 12.50 12.61
C GLU B 227 15.88 12.00 12.29
N GLN B 228 16.42 11.11 13.13
CA GLN B 228 17.74 10.56 12.84
C GLN B 228 17.75 9.78 11.54
N LEU B 229 16.71 8.95 11.32
CA LEU B 229 16.67 8.16 10.10
C LEU B 229 16.62 9.06 8.87
N PHE B 230 15.81 10.13 8.91
CA PHE B 230 15.72 11.00 7.74
C PHE B 230 16.99 11.81 7.54
N SER B 231 17.60 12.29 8.62
CA SER B 231 18.79 13.13 8.47
C SER B 231 20.04 12.32 8.13
N SER B 232 20.02 11.00 8.33
CA SER B 232 21.15 10.19 7.89
C SER B 232 21.10 9.83 6.41
N LEU B 233 19.90 9.80 5.81
CA LEU B 233 19.79 9.42 4.41
C LEU B 233 20.21 10.53 3.46
N LEU B 234 20.08 11.78 3.86
CA LEU B 234 20.36 12.90 2.95
C LEU B 234 21.83 12.99 2.57
N ARG B 235 22.72 12.33 3.31
CA ARG B 235 24.14 12.40 3.03
C ARG B 235 24.63 11.30 2.09
N GLN B 236 23.74 10.44 1.62
CA GLN B 236 24.15 9.33 0.77
C GLN B 236 24.46 9.81 -0.65
N ASP B 237 25.18 8.97 -1.38
CA ASP B 237 25.54 9.24 -2.76
C ASP B 237 24.32 9.08 -3.66
N LEU B 238 24.45 9.60 -4.89
CA LEU B 238 23.34 9.53 -5.83
C LEU B 238 23.10 8.11 -6.34
N GLY B 239 24.11 7.25 -6.31
CA GLY B 239 23.93 5.88 -6.74
C GLY B 239 22.98 5.11 -5.84
N PHE B 240 23.01 5.40 -4.54
CA PHE B 240 22.12 4.73 -3.61
C PHE B 240 20.66 4.99 -3.96
N PHE B 241 20.33 6.23 -4.31
CA PHE B 241 18.96 6.56 -4.70
C PHE B 241 18.65 6.08 -6.12
N GLN B 242 19.67 6.02 -6.99
CA GLN B 242 19.45 5.45 -8.31
C GLN B 242 19.13 3.97 -8.25
N GLU B 243 19.62 3.28 -7.22
CA GLU B 243 19.42 1.84 -7.09
C GLU B 243 18.20 1.49 -6.24
N THR B 244 18.08 2.09 -5.05
CA THR B 244 17.03 1.72 -4.11
C THR B 244 15.69 2.29 -4.54
N LYS B 245 14.67 1.44 -4.55
CA LYS B 245 13.33 1.87 -4.90
C LYS B 245 12.72 2.72 -3.78
N THR B 246 11.94 3.73 -4.17
CA THR B 246 11.36 4.65 -3.20
C THR B 246 10.39 3.94 -2.26
N GLY B 247 9.81 2.83 -2.70
CA GLY B 247 8.90 2.10 -1.83
C GLY B 247 9.56 1.59 -0.57
N GLU B 248 10.80 1.09 -0.70
CA GLU B 248 11.54 0.63 0.46
C GLU B 248 11.81 1.77 1.44
N LEU B 249 12.20 2.94 0.93
CA LEU B 249 12.45 4.08 1.79
C LEU B 249 11.19 4.50 2.51
N ASN B 250 10.06 4.53 1.80
CA ASN B 250 8.79 4.88 2.44
C ASN B 250 8.43 3.86 3.52
N SER B 251 8.65 2.57 3.24
CA SER B 251 8.35 1.54 4.23
C SER B 251 9.20 1.70 5.47
N ARG B 252 10.50 2.00 5.30
CA ARG B 252 11.37 2.21 6.45
C ARG B 252 10.95 3.44 7.24
N LEU B 253 10.59 4.52 6.55
CA LEU B 253 10.29 5.77 7.23
C LEU B 253 8.84 5.89 7.70
N SER B 254 8.00 4.91 7.43
CA SER B 254 6.60 5.01 7.83
C SER B 254 6.13 3.85 8.69
N SER B 255 6.61 2.64 8.44
CA SER B 255 6.11 1.45 9.13
C SER B 255 7.09 0.85 10.12
N ASP B 256 8.33 0.59 9.71
CA ASP B 256 9.28 -0.07 10.61
C ASP B 256 9.70 0.85 11.75
N THR B 257 9.76 2.16 11.51
CA THR B 257 10.12 3.10 12.57
C THR B 257 9.06 3.18 13.65
N THR B 258 7.87 2.63 13.40
CA THR B 258 6.84 2.51 14.43
C THR B 258 6.89 1.15 15.10
N LEU B 259 7.15 0.09 14.33
CA LEU B 259 7.26 -1.25 14.91
C LEU B 259 8.42 -1.34 15.88
N MET B 260 9.55 -0.73 15.55
CA MET B 260 10.69 -0.77 16.45
C MET B 260 10.54 0.15 17.65
N SER B 261 9.53 1.02 17.66
CA SER B 261 9.29 1.93 18.76
C SER B 261 8.42 1.35 19.86
N ASN B 262 7.82 0.18 19.64
CA ASN B 262 6.98 -0.48 20.64
C ASN B 262 7.76 -1.43 21.53
N TRP B 263 9.07 -1.55 21.35
CA TRP B 263 9.84 -2.57 22.04
C TRP B 263 9.83 -2.35 23.55
N LEU B 264 10.19 -1.15 23.99
CA LEU B 264 10.27 -0.87 25.43
C LEU B 264 8.92 -0.51 26.05
N PRO B 265 8.13 0.40 25.47
CA PRO B 265 6.88 0.80 26.15
C PRO B 265 5.78 -0.25 26.13
N LEU B 266 5.82 -1.22 25.22
CA LEU B 266 4.74 -2.18 25.10
C LEU B 266 5.16 -3.60 25.45
N ASN B 267 6.20 -4.14 24.80
CA ASN B 267 6.57 -5.53 25.02
C ASN B 267 7.26 -5.73 26.36
N ALA B 268 8.31 -4.96 26.63
CA ALA B 268 9.05 -5.09 27.87
C ALA B 268 8.25 -4.63 29.08
N ASN B 269 7.11 -3.98 28.88
CA ASN B 269 6.22 -3.62 29.97
C ASN B 269 5.28 -4.77 30.30
N VAL B 270 4.52 -5.21 29.28
CA VAL B 270 3.53 -6.31 29.48
C VAL B 270 4.29 -7.55 29.98
N LEU B 271 5.43 -7.90 29.38
CA LEU B 271 6.13 -9.13 29.79
C LEU B 271 6.48 -9.06 31.28
N LEU B 272 7.08 -7.95 31.72
CA LEU B 272 7.49 -7.77 33.14
C LEU B 272 6.28 -7.98 34.06
N ARG B 273 5.27 -7.12 33.96
CA ARG B 273 4.09 -7.21 34.87
C ARG B 273 3.47 -8.61 34.79
N SER B 274 3.30 -9.15 33.58
CA SER B 274 2.64 -10.47 33.41
C SER B 274 3.40 -11.53 34.20
N LEU B 275 4.73 -11.57 34.05
CA LEU B 275 5.57 -12.57 34.75
C LEU B 275 5.48 -12.33 36.27
N VAL B 276 5.64 -11.08 36.71
CA VAL B 276 5.62 -10.76 38.17
C VAL B 276 4.28 -11.22 38.74
N LYS B 277 3.18 -10.76 38.13
CA LYS B 277 1.85 -11.16 38.59
C LYS B 277 1.74 -12.67 38.74
N VAL B 278 2.29 -13.42 37.79
CA VAL B 278 2.25 -14.88 37.86
C VAL B 278 3.00 -15.37 39.09
N VAL B 279 4.19 -14.81 39.33
CA VAL B 279 4.97 -15.24 40.49
C VAL B 279 4.20 -14.97 41.79
N GLY B 280 3.59 -13.79 41.89
CA GLY B 280 2.83 -13.47 43.10
C GLY B 280 1.63 -14.37 43.30
N LEU B 281 0.87 -14.63 42.22
CA LEU B 281 -0.29 -15.49 42.33
C LEU B 281 0.11 -16.90 42.75
N TYR B 282 1.19 -17.43 42.22
CA TYR B 282 1.58 -18.77 42.58
C TYR B 282 2.09 -18.80 44.02
N GLY B 283 2.79 -17.75 44.45
CA GLY B 283 3.19 -17.71 45.85
C GLY B 283 1.99 -17.75 46.79
N PHE B 284 0.96 -16.95 46.49
CA PHE B 284 -0.24 -16.98 47.32
C PHE B 284 -0.92 -18.35 47.28
N MET B 285 -1.00 -18.96 46.10
CA MET B 285 -1.62 -20.27 45.98
C MET B 285 -0.87 -21.32 46.78
N LEU B 286 0.47 -21.30 46.74
CA LEU B 286 1.25 -22.23 47.53
C LEU B 286 1.04 -21.97 49.01
N SER B 287 0.90 -20.70 49.41
CA SER B 287 0.64 -20.40 50.81
C SER B 287 -0.70 -20.95 51.28
N ILE B 288 -1.74 -20.83 50.46
CA ILE B 288 -3.08 -21.25 50.89
C ILE B 288 -3.16 -22.77 51.04
N SER B 289 -2.69 -23.50 50.03
CA SER B 289 -2.79 -24.96 50.07
C SER B 289 -1.62 -25.60 49.32
N PRO B 290 -0.70 -26.25 50.02
CA PRO B 290 0.49 -26.80 49.35
C PRO B 290 0.22 -28.03 48.50
N ARG B 291 -1.00 -28.56 48.49
CA ARG B 291 -1.32 -29.77 47.74
C ARG B 291 -2.11 -29.47 46.46
N LEU B 292 -3.08 -28.57 46.52
CA LEU B 292 -3.90 -28.29 45.35
C LEU B 292 -3.12 -27.61 44.23
N THR B 293 -2.06 -26.87 44.57
CA THR B 293 -1.28 -26.16 43.56
C THR B 293 -0.47 -27.11 42.67
N LEU B 294 -0.16 -28.31 43.17
CA LEU B 294 0.60 -29.26 42.38
C LEU B 294 -0.12 -29.64 41.10
N LEU B 295 -1.45 -29.71 41.15
CA LEU B 295 -2.21 -30.06 39.95
C LEU B 295 -2.07 -29.01 38.86
N SER B 296 -2.13 -27.73 39.24
CA SER B 296 -1.92 -26.67 38.26
C SER B 296 -0.48 -26.68 37.74
N LEU B 297 0.49 -26.91 38.63
CA LEU B 297 1.87 -26.99 38.20
C LEU B 297 2.09 -28.12 37.20
N LEU B 298 1.35 -29.22 37.35
CA LEU B 298 1.44 -30.30 36.38
C LEU B 298 0.69 -29.98 35.09
N HIS B 299 -0.41 -29.22 35.19
CA HIS B 299 -1.24 -28.97 34.01
C HIS B 299 -0.64 -27.92 33.08
N MET B 300 0.14 -26.98 33.59
CA MET B 300 0.60 -25.84 32.78
C MET B 300 1.27 -26.19 31.46
N PRO B 301 2.16 -27.19 31.35
CA PRO B 301 2.81 -27.45 30.06
C PRO B 301 1.85 -27.75 28.92
N PHE B 302 0.73 -28.43 29.20
CA PHE B 302 -0.24 -28.73 28.16
C PHE B 302 -0.88 -27.48 27.59
N THR B 303 -0.83 -26.37 28.33
CA THR B 303 -1.30 -25.08 27.82
C THR B 303 -0.18 -24.34 27.08
N ILE B 304 1.03 -24.35 27.66
CA ILE B 304 2.14 -23.63 27.04
C ILE B 304 2.44 -24.18 25.64
N ALA B 305 2.50 -25.50 25.52
CA ALA B 305 2.83 -26.11 24.23
C ALA B 305 1.76 -25.80 23.18
N ALA B 306 0.49 -25.89 23.56
CA ALA B 306 -0.58 -25.61 22.62
C ALA B 306 -0.54 -24.17 22.14
N GLU B 307 -0.33 -23.22 23.05
CA GLU B 307 -0.25 -21.82 22.65
C GLU B 307 0.92 -21.59 21.71
N LYS B 308 2.07 -22.20 22.01
CA LYS B 308 3.24 -22.03 21.14
C LYS B 308 2.96 -22.57 19.74
N VAL B 309 2.36 -23.76 19.64
CA VAL B 309 2.08 -24.36 18.34
C VAL B 309 1.12 -23.50 17.54
N TYR B 310 0.05 -23.02 18.19
CA TYR B 310 -0.94 -22.22 17.49
C TYR B 310 -0.32 -20.92 16.97
N ASN B 311 0.49 -20.26 17.79
CA ASN B 311 1.14 -19.03 17.35
C ASN B 311 2.08 -19.29 16.18
N THR B 312 2.84 -20.40 16.24
CA THR B 312 3.76 -20.72 15.14
C THR B 312 3.00 -20.92 13.84
N ARG B 313 1.87 -21.64 13.88
CA ARG B 313 1.11 -21.85 12.64
C ARG B 313 0.50 -20.55 12.13
N HIS B 314 -0.06 -19.73 13.02
CA HIS B 314 -0.71 -18.49 12.60
C HIS B 314 0.28 -17.53 11.94
N GLN B 315 1.49 -17.43 12.49
CA GLN B 315 2.45 -16.44 11.98
C GLN B 315 2.86 -16.73 10.55
N GLU B 316 2.81 -17.99 10.13
CA GLU B 316 3.12 -18.31 8.74
C GLU B 316 1.90 -18.29 7.83
N VAL B 317 0.72 -18.66 8.37
CA VAL B 317 -0.49 -18.56 7.56
C VAL B 317 -0.75 -17.11 7.15
N LEU B 318 -0.47 -16.17 8.06
CA LEU B 318 -0.70 -14.76 7.74
C LEU B 318 0.16 -14.31 6.56
N ARG B 319 1.44 -14.67 6.56
CA ARG B 319 2.31 -14.23 5.48
C ARG B 319 1.99 -14.96 4.16
N GLU B 320 1.55 -16.21 4.23
CA GLU B 320 1.09 -16.88 3.01
C GLU B 320 -0.11 -16.16 2.41
N ILE B 321 -1.06 -15.75 3.27
CA ILE B 321 -2.22 -15.01 2.80
C ILE B 321 -1.78 -13.70 2.15
N GLN B 322 -0.84 -13.00 2.79
CA GLN B 322 -0.37 -11.72 2.24
C GLN B 322 0.27 -11.91 0.86
N ASP B 323 1.10 -12.95 0.71
CA ASP B 323 1.73 -13.20 -0.58
C ASP B 323 0.68 -13.52 -1.64
N ALA B 324 -0.32 -14.33 -1.29
CA ALA B 324 -1.37 -14.67 -2.25
C ALA B 324 -2.15 -13.43 -2.67
N VAL B 325 -2.44 -12.53 -1.72
CA VAL B 325 -3.18 -11.31 -2.04
C VAL B 325 -2.36 -10.43 -2.98
N ALA B 326 -1.06 -10.29 -2.71
CA ALA B 326 -0.21 -9.50 -3.58
C ALA B 326 -0.16 -10.08 -4.99
N ARG B 327 -0.03 -11.41 -5.10
CA ARG B 327 -0.02 -12.04 -6.42
C ARG B 327 -1.34 -11.82 -7.14
N ALA B 328 -2.46 -11.88 -6.42
CA ALA B 328 -3.75 -11.62 -7.04
C ALA B 328 -3.86 -10.19 -7.55
N GLY B 329 -3.37 -9.22 -6.77
CA GLY B 329 -3.41 -7.84 -7.20
C GLY B 329 -2.52 -7.56 -8.39
N GLN B 330 -1.41 -8.28 -8.51
CA GLN B 330 -0.53 -8.10 -9.66
C GLN B 330 -1.25 -8.37 -10.98
N VAL B 331 -2.20 -9.31 -10.99
CA VAL B 331 -2.93 -9.60 -12.22
C VAL B 331 -3.76 -8.40 -12.65
N VAL B 332 -4.45 -7.76 -11.70
CA VAL B 332 -5.22 -6.57 -12.03
C VAL B 332 -4.31 -5.46 -12.51
N ARG B 333 -3.15 -5.30 -11.85
CA ARG B 333 -2.20 -4.27 -12.29
C ARG B 333 -1.74 -4.53 -13.72
N GLU B 334 -1.43 -5.78 -14.05
CA GLU B 334 -0.99 -6.13 -15.40
C GLU B 334 -2.10 -5.87 -16.42
N ALA B 335 -3.33 -6.22 -16.06
CA ALA B 335 -4.46 -5.96 -16.97
C ALA B 335 -4.63 -4.47 -17.21
N VAL B 336 -4.49 -3.67 -16.16
CA VAL B 336 -4.61 -2.22 -16.31
C VAL B 336 -3.50 -1.68 -17.20
N GLY B 337 -2.28 -2.19 -17.02
CA GLY B 337 -1.15 -1.67 -17.78
C GLY B 337 -1.31 -1.86 -19.28
N GLY B 338 -1.80 -3.02 -19.70
CA GLY B 338 -1.93 -3.33 -21.12
C GLY B 338 -3.37 -3.35 -21.61
N LEU B 339 -4.17 -2.37 -21.18
CA LEU B 339 -5.60 -2.41 -21.47
C LEU B 339 -5.89 -2.35 -22.97
N GLN B 340 -5.16 -1.52 -23.71
CA GLN B 340 -5.47 -1.28 -25.12
C GLN B 340 -5.39 -2.57 -25.92
N THR B 341 -4.33 -3.36 -25.70
CA THR B 341 -4.18 -4.61 -26.44
C THR B 341 -5.30 -5.59 -26.09
N VAL B 342 -5.67 -5.66 -24.80
CA VAL B 342 -6.72 -6.58 -24.38
C VAL B 342 -8.04 -6.23 -25.05
N ARG B 343 -8.37 -4.93 -25.07
CA ARG B 343 -9.61 -4.52 -25.73
C ARG B 343 -9.54 -4.73 -27.23
N SER B 344 -8.37 -4.56 -27.84
CA SER B 344 -8.24 -4.77 -29.28
C SER B 344 -8.44 -6.24 -29.64
N PHE B 345 -7.88 -7.15 -28.84
CA PHE B 345 -7.99 -8.58 -29.13
C PHE B 345 -9.21 -9.23 -28.51
N GLY B 346 -9.94 -8.53 -27.64
CA GLY B 346 -11.10 -9.10 -27.01
C GLY B 346 -10.78 -10.28 -26.12
N ALA B 347 -9.76 -10.14 -25.27
CA ALA B 347 -9.30 -11.21 -24.40
C ALA B 347 -9.71 -11.00 -22.95
N GLU B 348 -10.84 -10.32 -22.71
CA GLU B 348 -11.30 -10.11 -21.34
C GLU B 348 -11.70 -11.44 -20.68
N GLU B 349 -12.28 -12.35 -21.45
CA GLU B 349 -12.77 -13.62 -20.92
C GLU B 349 -11.64 -14.52 -20.43
N HIS B 350 -10.39 -14.20 -20.74
CA HIS B 350 -9.24 -14.94 -20.22
C HIS B 350 -8.63 -14.27 -19.00
N GLU B 351 -8.54 -12.95 -19.00
CA GLU B 351 -8.06 -12.22 -17.82
C GLU B 351 -9.00 -12.44 -16.64
N VAL B 352 -10.32 -12.45 -16.91
CA VAL B 352 -11.28 -12.73 -15.84
C VAL B 352 -11.05 -14.12 -15.27
N CYS B 353 -10.78 -15.10 -16.14
CA CYS B 353 -10.53 -16.46 -15.67
C CYS B 353 -9.26 -16.53 -14.80
N ARG B 354 -8.21 -15.83 -15.22
CA ARG B 354 -6.98 -15.83 -14.43
C ARG B 354 -7.21 -15.19 -13.06
N TYR B 355 -7.95 -14.07 -13.03
CA TYR B 355 -8.25 -13.44 -11.74
C TYR B 355 -9.09 -14.36 -10.86
N LYS B 356 -10.06 -15.06 -11.45
CA LYS B 356 -10.86 -16.00 -10.68
C LYS B 356 -9.99 -17.13 -10.11
N GLU B 357 -9.01 -17.58 -10.89
CA GLU B 357 -8.09 -18.59 -10.38
C GLU B 357 -7.30 -18.08 -9.18
N ALA B 358 -6.82 -16.84 -9.26
CA ALA B 358 -6.10 -16.26 -8.12
C ALA B 358 -6.99 -16.16 -6.88
N LEU B 359 -8.23 -15.72 -7.07
CA LEU B 359 -9.16 -15.61 -5.95
C LEU B 359 -9.45 -16.96 -5.33
N GLU B 360 -9.63 -17.98 -6.16
CA GLU B 360 -9.87 -19.33 -5.64
C GLU B 360 -8.65 -19.88 -4.94
N GLN B 361 -7.45 -19.43 -5.33
CA GLN B 361 -6.25 -19.84 -4.61
C GLN B 361 -6.16 -19.18 -3.24
N CYS B 362 -6.61 -17.93 -3.13
CA CYS B 362 -6.55 -17.24 -1.84
C CYS B 362 -7.63 -17.71 -0.86
N ARG B 363 -8.80 -18.09 -1.39
CA ARG B 363 -9.92 -18.47 -0.53
C ARG B 363 -9.58 -19.69 0.33
N GLN B 364 -8.80 -20.62 -0.22
CA GLN B 364 -8.44 -21.82 0.53
C GLN B 364 -7.59 -21.48 1.76
N LEU B 365 -6.64 -20.56 1.60
CA LEU B 365 -5.84 -20.13 2.75
C LEU B 365 -6.72 -19.44 3.79
N TYR B 366 -7.65 -18.59 3.34
CA TYR B 366 -8.57 -17.95 4.28
C TYR B 366 -9.33 -19.01 5.08
N TRP B 367 -9.87 -20.01 4.39
CA TRP B 367 -10.65 -21.05 5.06
C TRP B 367 -9.80 -21.85 6.03
N ARG B 368 -8.55 -22.15 5.66
CA ARG B 368 -7.67 -22.90 6.54
C ARG B 368 -7.41 -22.16 7.83
N ARG B 369 -7.12 -20.86 7.73
CA ARG B 369 -6.91 -20.07 8.94
C ARG B 369 -8.17 -20.03 9.81
N ASP B 370 -9.33 -19.83 9.18
CA ASP B 370 -10.58 -19.75 9.94
C ASP B 370 -10.91 -21.07 10.63
N LEU B 371 -10.50 -22.20 10.03
CA LEU B 371 -10.73 -23.48 10.68
C LEU B 371 -9.78 -23.70 11.86
N GLU B 372 -8.50 -23.34 11.68
CA GLU B 372 -7.53 -23.55 12.76
C GLU B 372 -7.90 -22.75 14.00
N ARG B 373 -8.41 -21.55 13.81
CA ARG B 373 -8.76 -20.78 14.96
C ARG B 373 -9.78 -21.54 15.77
N ALA B 374 -10.87 -21.86 15.13
CA ALA B 374 -11.99 -22.49 15.82
C ALA B 374 -11.57 -23.78 16.52
N LEU B 375 -10.70 -24.56 15.87
CA LEU B 375 -10.21 -25.78 16.52
C LEU B 375 -9.47 -25.44 17.81
N TYR B 376 -8.62 -24.41 17.77
CA TYR B 376 -7.91 -24.01 18.98
C TYR B 376 -8.88 -23.57 20.07
N LEU B 377 -9.90 -22.80 19.71
CA LEU B 377 -10.87 -22.35 20.71
C LEU B 377 -11.58 -23.53 21.37
N LEU B 378 -11.99 -24.52 20.57
CA LEU B 378 -12.66 -25.68 21.13
C LEU B 378 -11.75 -26.42 22.10
N VAL B 379 -10.49 -26.63 21.73
CA VAL B 379 -9.56 -27.33 22.61
C VAL B 379 -9.40 -26.58 23.92
N ARG B 380 -9.25 -25.24 23.84
CA ARG B 380 -9.09 -24.45 25.05
C ARG B 380 -10.29 -24.58 25.97
N ARG B 381 -11.50 -24.49 25.41
CA ARG B 381 -12.70 -24.57 26.25
C ARG B 381 -12.79 -25.92 26.95
N VAL B 382 -12.54 -27.02 26.22
CA VAL B 382 -12.64 -28.34 26.83
C VAL B 382 -11.61 -28.49 27.95
N LEU B 383 -10.38 -28.03 27.72
CA LEU B 383 -9.31 -28.21 28.74
C LEU B 383 -9.67 -27.47 30.03
N HIS B 384 -10.15 -26.22 29.93
CA HIS B 384 -10.46 -25.38 31.12
C HIS B 384 -11.55 -26.03 31.99
N LEU B 385 -12.66 -26.46 31.37
CA LEU B 385 -13.77 -27.08 32.13
C LEU B 385 -13.21 -28.27 32.93
N GLY B 386 -12.44 -29.12 32.27
CA GLY B 386 -11.84 -30.29 32.95
C GLY B 386 -11.01 -29.86 34.14
N VAL B 387 -10.10 -28.91 33.96
CA VAL B 387 -9.24 -28.42 35.07
C VAL B 387 -10.13 -27.95 36.22
N GLN B 388 -11.15 -27.14 35.91
CA GLN B 388 -12.03 -26.56 36.98
C GLN B 388 -12.71 -27.70 37.75
N MET B 389 -13.26 -28.69 37.03
CA MET B 389 -13.98 -29.80 37.70
C MET B 389 -13.01 -30.61 38.56
N LEU B 390 -11.76 -30.77 38.10
CA LEU B 390 -10.75 -31.47 38.91
C LEU B 390 -10.39 -30.59 40.11
N MET B 391 -10.36 -29.27 39.91
CA MET B 391 -10.07 -28.40 41.04
C MET B 391 -11.23 -28.40 42.02
N LEU B 392 -12.45 -28.28 41.51
CA LEU B 392 -13.62 -28.22 42.39
C LEU B 392 -13.77 -29.50 43.20
N SER B 393 -13.64 -30.66 42.53
CA SER B 393 -13.78 -31.92 43.24
C SER B 393 -12.73 -32.09 44.32
N CYS B 394 -11.46 -31.82 43.98
CA CYS B 394 -10.39 -31.99 44.95
C CYS B 394 -10.56 -31.02 46.12
N GLY B 395 -10.93 -29.77 45.83
CA GLY B 395 -11.11 -28.80 46.90
C GLY B 395 -12.23 -29.16 47.85
N LEU B 396 -13.36 -29.61 47.30
CA LEU B 396 -14.47 -30.01 48.17
C LEU B 396 -14.09 -31.22 49.02
N GLN B 397 -13.41 -32.20 48.42
CA GLN B 397 -13.00 -33.37 49.18
C GLN B 397 -12.00 -33.02 50.27
N GLN B 398 -11.17 -31.99 50.03
CA GLN B 398 -10.23 -31.57 51.06
C GLN B 398 -10.92 -30.77 52.16
N MET B 399 -11.90 -29.94 51.81
CA MET B 399 -12.61 -29.17 52.83
C MET B 399 -13.43 -30.08 53.74
N GLN B 400 -14.15 -31.05 53.16
CA GLN B 400 -14.95 -31.93 54.00
C GLN B 400 -14.10 -32.76 54.94
N ASP B 401 -12.81 -32.95 54.63
CA ASP B 401 -11.92 -33.60 55.57
C ASP B 401 -11.66 -32.73 56.78
N GLY B 402 -11.34 -31.46 56.56
CA GLY B 402 -11.14 -30.52 57.65
C GLY B 402 -9.83 -29.75 57.59
N GLU B 403 -9.15 -29.81 56.45
CA GLU B 403 -7.87 -29.14 56.26
C GLU B 403 -7.99 -27.79 55.59
N LEU B 404 -9.21 -27.30 55.35
CA LEU B 404 -9.39 -26.05 54.62
C LEU B 404 -10.68 -25.39 55.08
N THR B 405 -10.79 -24.10 54.80
CA THR B 405 -11.98 -23.32 55.07
C THR B 405 -12.62 -22.88 53.76
N GLN B 406 -13.79 -22.24 53.87
CA GLN B 406 -14.54 -21.86 52.68
C GLN B 406 -13.90 -20.66 51.99
N GLY B 407 -13.49 -19.65 52.76
CA GLY B 407 -12.84 -18.50 52.16
C GLY B 407 -11.53 -18.86 51.48
N SER B 408 -10.77 -19.78 52.08
CA SER B 408 -9.53 -20.23 51.46
C SER B 408 -9.80 -20.91 50.13
N LEU B 409 -10.84 -21.74 50.05
CA LEU B 409 -11.19 -22.37 48.78
C LEU B 409 -11.60 -21.34 47.75
N LEU B 410 -12.38 -20.33 48.16
CA LEU B 410 -12.78 -19.28 47.22
C LEU B 410 -11.56 -18.53 46.68
N SER B 411 -10.62 -18.17 47.56
CA SER B 411 -9.43 -17.46 47.12
C SER B 411 -8.59 -18.33 46.18
N PHE B 412 -8.44 -19.62 46.51
CA PHE B 412 -7.67 -20.51 45.65
C PHE B 412 -8.32 -20.64 44.29
N MET B 413 -9.65 -20.74 44.25
CA MET B 413 -10.34 -20.85 42.97
C MET B 413 -10.14 -19.60 42.13
N ILE B 414 -10.20 -18.42 42.76
CA ILE B 414 -9.99 -17.17 42.01
C ILE B 414 -8.57 -17.14 41.44
N TYR B 415 -7.57 -17.47 42.26
CA TYR B 415 -6.18 -17.46 41.81
C TYR B 415 -5.97 -18.43 40.65
N GLN B 416 -6.48 -19.65 40.79
CA GLN B 416 -6.27 -20.67 39.78
C GLN B 416 -7.00 -20.31 38.49
N GLU B 417 -8.15 -19.66 38.59
CA GLU B 417 -8.80 -19.17 37.38
C GLU B 417 -7.97 -18.09 36.70
N SER B 418 -7.39 -17.18 37.48
CA SER B 418 -6.72 -16.03 36.90
C SER B 418 -5.35 -16.35 36.29
N VAL B 419 -4.66 -17.39 36.77
CA VAL B 419 -3.26 -17.59 36.37
C VAL B 419 -3.12 -17.89 34.87
N GLY B 420 -4.12 -18.55 34.27
CA GLY B 420 -3.95 -19.05 32.92
C GLY B 420 -3.84 -17.96 31.88
N SER B 421 -4.61 -16.88 32.03
CA SER B 421 -4.58 -15.80 31.06
C SER B 421 -3.20 -15.15 31.00
N TYR B 422 -2.60 -14.91 32.17
CA TYR B 422 -1.25 -14.36 32.21
C TYR B 422 -0.24 -15.35 31.61
N VAL B 423 -0.40 -16.64 31.91
CA VAL B 423 0.52 -17.62 31.35
C VAL B 423 0.48 -17.60 29.82
N GLN B 424 -0.70 -17.42 29.24
CA GLN B 424 -0.81 -17.38 27.78
C GLN B 424 -0.28 -16.07 27.21
N THR B 425 -0.61 -14.94 27.85
CA THR B 425 -0.19 -13.65 27.30
C THR B 425 1.31 -13.46 27.37
N LEU B 426 1.98 -14.11 28.33
CA LEU B 426 3.44 -14.05 28.39
C LEU B 426 4.05 -14.65 27.13
N VAL B 427 3.56 -15.83 26.72
CA VAL B 427 4.04 -16.47 25.51
C VAL B 427 3.73 -15.61 24.30
N TYR B 428 2.51 -15.04 24.24
CA TYR B 428 2.16 -14.18 23.12
C TYR B 428 3.14 -13.02 22.98
N ILE B 429 3.41 -12.31 24.09
CA ILE B 429 4.25 -11.13 24.03
C ILE B 429 5.69 -11.50 23.68
N TYR B 430 6.21 -12.58 24.26
CA TYR B 430 7.58 -12.98 23.94
C TYR B 430 7.71 -13.37 22.48
N GLY B 431 6.68 -14.00 21.92
CA GLY B 431 6.69 -14.28 20.49
C GLY B 431 6.63 -13.02 19.64
N ASP B 432 5.90 -12.01 20.10
CA ASP B 432 5.73 -10.80 19.32
C ASP B 432 6.98 -9.92 19.33
N MET B 433 7.77 -9.97 20.41
CA MET B 433 8.90 -9.06 20.55
C MET B 433 9.94 -9.25 19.44
N LEU B 434 10.08 -10.46 18.92
CA LEU B 434 11.12 -10.73 17.93
C LEU B 434 10.86 -10.00 16.61
N SER B 435 9.58 -9.79 16.26
CA SER B 435 9.28 -9.02 15.05
C SER B 435 9.75 -7.57 15.20
N ASN B 436 9.54 -6.98 16.37
CA ASN B 436 10.03 -5.63 16.61
C ASN B 436 11.56 -5.58 16.56
N VAL B 437 12.21 -6.60 17.11
CA VAL B 437 13.68 -6.64 17.05
C VAL B 437 14.14 -6.71 15.60
N GLY B 438 13.49 -7.54 14.79
CA GLY B 438 13.87 -7.64 13.38
C GLY B 438 13.64 -6.35 12.61
N ALA B 439 12.52 -5.67 12.89
CA ALA B 439 12.27 -4.39 12.25
C ALA B 439 13.32 -3.35 12.65
N ALA B 440 13.73 -3.37 13.93
CA ALA B 440 14.78 -2.46 14.36
C ALA B 440 16.09 -2.75 13.64
N GLU B 441 16.42 -4.03 13.46
CA GLU B 441 17.63 -4.38 12.71
C GLU B 441 17.54 -3.87 11.28
N LYS B 442 16.39 -4.05 10.65
CA LYS B 442 16.23 -3.61 9.26
C LYS B 442 16.35 -2.09 9.13
N VAL B 443 15.83 -1.34 10.09
CA VAL B 443 15.97 0.11 10.07
C VAL B 443 17.42 0.52 10.29
N PHE B 444 18.07 -0.09 11.29
CA PHE B 444 19.45 0.27 11.61
C PHE B 444 20.43 -0.12 10.53
N SER B 445 20.07 -1.07 9.65
CA SER B 445 20.96 -1.42 8.56
C SER B 445 21.06 -0.32 7.50
N TYR B 446 20.20 0.69 7.53
CA TYR B 446 20.22 1.77 6.55
C TYR B 446 21.03 2.97 7.01
N MET B 447 21.00 3.28 8.31
CA MET B 447 21.70 4.43 8.84
C MET B 447 23.13 4.12 9.25
N ASP B 448 23.57 2.88 9.12
CA ASP B 448 24.96 2.52 9.39
C ASP B 448 25.79 2.34 8.13
N ARG B 449 25.16 2.37 6.95
CA ARG B 449 25.88 2.18 5.71
C ARG B 449 26.79 3.37 5.42
N GLN B 450 27.99 3.11 4.91
CA GLN B 450 28.90 4.20 4.57
C GLN B 450 28.70 4.70 3.12
N PRO B 451 28.77 6.02 2.92
CA PRO B 451 28.62 6.68 1.61
C PRO B 451 29.83 6.55 0.69
N ASN B 452 29.76 7.11 -0.52
CA ASN B 452 30.87 7.05 -1.47
C ASN B 452 31.31 8.43 -1.94
N LEU B 453 31.00 9.48 -1.20
CA LEU B 453 31.44 10.83 -1.54
C LEU B 453 32.94 10.96 -1.33
N PRO B 454 33.61 11.84 -2.05
CA PRO B 454 35.05 12.04 -1.87
C PRO B 454 35.32 12.89 -0.63
N SER B 455 36.61 13.18 -0.42
CA SER B 455 37.02 13.96 0.73
C SER B 455 36.47 15.38 0.63
N PRO B 456 35.90 15.90 1.72
CA PRO B 456 35.35 17.27 1.69
C PRO B 456 36.44 18.30 1.45
N GLY B 457 36.07 19.38 0.77
CA GLY B 457 36.97 20.49 0.50
C GLY B 457 36.75 21.65 1.43
N THR B 458 37.63 22.65 1.32
CA THR B 458 37.54 23.82 2.18
C THR B 458 37.70 25.14 1.43
N LEU B 459 38.31 25.09 0.24
CA LEU B 459 38.68 26.31 -0.46
C LEU B 459 37.44 27.09 -0.88
N ALA B 460 37.57 28.42 -0.87
CA ALA B 460 36.50 29.31 -1.31
C ALA B 460 37.11 30.66 -1.68
N PRO B 461 37.54 30.82 -2.94
CA PRO B 461 38.10 32.10 -3.36
C PRO B 461 37.04 33.19 -3.39
N THR B 462 37.51 34.42 -3.57
CA THR B 462 36.60 35.57 -3.54
C THR B 462 36.05 35.91 -4.93
N THR B 463 36.87 35.77 -5.97
CA THR B 463 36.44 36.12 -7.34
C THR B 463 36.95 35.03 -8.28
N LEU B 464 36.05 34.11 -8.65
CA LEU B 464 36.41 33.04 -9.56
C LEU B 464 36.56 33.57 -10.97
N GLN B 465 37.64 33.15 -11.65
CA GLN B 465 37.86 33.56 -13.03
C GLN B 465 36.90 32.88 -13.98
N GLY B 466 36.56 31.62 -13.73
CA GLY B 466 35.60 30.92 -14.54
C GLY B 466 36.17 30.05 -15.65
N VAL B 467 37.49 29.84 -15.67
CA VAL B 467 38.09 28.99 -16.69
C VAL B 467 37.97 27.53 -16.26
N VAL B 468 37.41 26.71 -17.14
CA VAL B 468 37.17 25.30 -16.88
C VAL B 468 37.86 24.47 -17.95
N LYS B 469 38.60 23.44 -17.51
CA LYS B 469 39.34 22.58 -18.42
C LYS B 469 39.02 21.12 -18.13
N PHE B 470 38.81 20.36 -19.20
CA PHE B 470 38.64 18.92 -19.11
C PHE B 470 39.90 18.25 -19.63
N GLN B 471 40.47 17.34 -18.83
CA GLN B 471 41.72 16.69 -19.16
C GLN B 471 41.55 15.18 -19.11
N ASP B 472 41.44 14.56 -20.29
CA ASP B 472 41.41 13.10 -20.42
C ASP B 472 40.32 12.48 -19.55
N VAL B 473 39.13 13.08 -19.57
CA VAL B 473 38.05 12.66 -18.67
C VAL B 473 37.39 11.40 -19.22
N SER B 474 37.33 10.36 -18.39
CA SER B 474 36.63 9.13 -18.72
C SER B 474 35.81 8.72 -17.50
N PHE B 475 34.63 8.15 -17.77
CA PHE B 475 33.70 7.89 -16.68
C PHE B 475 32.90 6.62 -16.99
N ALA B 476 32.59 5.86 -15.94
CA ALA B 476 31.74 4.68 -16.03
C ALA B 476 30.80 4.65 -14.83
N TYR B 477 29.52 4.46 -15.10
CA TYR B 477 28.54 4.45 -14.03
C TYR B 477 28.76 3.26 -13.11
N PRO B 478 28.81 3.46 -11.79
CA PRO B 478 28.92 2.31 -10.87
C PRO B 478 27.76 1.33 -10.97
N ASN B 479 26.55 1.81 -11.30
CA ASN B 479 25.41 0.92 -11.46
C ASN B 479 25.57 -0.01 -12.65
N ARG B 480 26.20 0.45 -13.73
CA ARG B 480 26.48 -0.39 -14.90
C ARG B 480 27.94 -0.23 -15.27
N PRO B 481 28.83 -0.83 -14.47
CA PRO B 481 30.27 -0.59 -14.65
C PRO B 481 30.81 -1.25 -15.90
N ASP B 482 32.04 -0.86 -16.24
CA ASP B 482 32.79 -1.39 -17.39
C ASP B 482 32.08 -1.17 -18.71
N ARG B 483 31.21 -0.16 -18.77
CA ARG B 483 30.55 0.26 -20.01
C ARG B 483 30.68 1.77 -20.15
N PRO B 484 31.88 2.26 -20.44
CA PRO B 484 32.15 3.70 -20.34
C PRO B 484 31.31 4.51 -21.32
N VAL B 485 30.93 5.70 -20.88
CA VAL B 485 30.22 6.63 -21.74
C VAL B 485 31.16 7.72 -22.28
N LEU B 486 32.24 8.00 -21.58
CA LEU B 486 33.24 8.97 -21.99
C LEU B 486 34.60 8.29 -22.12
N LYS B 487 35.30 8.57 -23.22
CA LYS B 487 36.61 7.97 -23.51
C LYS B 487 37.61 9.10 -23.79
N GLY B 488 38.27 9.57 -22.74
CA GLY B 488 39.30 10.59 -22.89
C GLY B 488 38.82 11.92 -23.40
N LEU B 489 37.66 12.40 -22.94
CA LEU B 489 37.15 13.69 -23.37
C LEU B 489 38.08 14.82 -22.92
N THR B 490 38.28 15.80 -23.79
CA THR B 490 39.19 16.90 -23.50
C THR B 490 38.70 18.15 -24.20
N PHE B 491 38.52 19.23 -23.44
CA PHE B 491 38.15 20.52 -24.00
C PHE B 491 38.45 21.60 -22.97
N THR B 492 38.34 22.86 -23.40
CA THR B 492 38.63 24.01 -22.55
C THR B 492 37.53 25.05 -22.74
N LEU B 493 37.15 25.68 -21.63
CA LEU B 493 36.12 26.71 -21.62
C LEU B 493 36.73 28.04 -21.18
N ARG B 494 36.14 29.13 -21.64
CA ARG B 494 36.59 30.49 -21.37
C ARG B 494 35.38 31.33 -20.95
N PRO B 495 35.63 32.48 -20.30
CA PRO B 495 34.51 33.30 -19.82
C PRO B 495 33.53 33.70 -20.93
N GLY B 496 34.03 34.33 -21.99
CA GLY B 496 33.16 34.82 -23.03
C GLY B 496 32.83 33.80 -24.11
N GLU B 497 33.62 32.72 -24.17
CA GLU B 497 33.49 31.70 -25.21
C GLU B 497 32.29 30.81 -24.89
N VAL B 498 31.14 31.20 -25.44
CA VAL B 498 29.92 30.41 -25.28
C VAL B 498 30.04 29.14 -26.13
N THR B 499 30.25 28.01 -25.46
CA THR B 499 30.52 26.74 -26.12
C THR B 499 29.26 25.87 -26.11
N ALA B 500 28.91 25.34 -27.28
CA ALA B 500 27.74 24.51 -27.45
C ALA B 500 28.14 23.08 -27.75
N LEU B 501 27.48 22.12 -27.11
CA LEU B 501 27.72 20.70 -27.34
C LEU B 501 26.53 20.11 -28.09
N VAL B 502 26.82 19.41 -29.19
CA VAL B 502 25.79 18.80 -30.01
C VAL B 502 26.22 17.38 -30.35
N GLY B 503 25.25 16.59 -30.83
CA GLY B 503 25.48 15.18 -31.10
C GLY B 503 24.78 14.32 -30.07
N PRO B 504 24.03 13.32 -30.54
CA PRO B 504 23.23 12.50 -29.62
C PRO B 504 24.06 11.73 -28.62
N ASN B 505 24.98 10.90 -29.11
CA ASN B 505 25.85 10.08 -28.27
C ASN B 505 25.05 9.27 -27.25
N GLY B 506 23.86 8.80 -27.64
CA GLY B 506 23.01 8.10 -26.71
C GLY B 506 22.63 8.90 -25.48
N SER B 507 22.32 10.18 -25.67
CA SER B 507 22.05 11.13 -24.59
C SER B 507 23.21 11.26 -23.62
N GLY B 508 24.45 11.10 -24.09
CA GLY B 508 25.61 11.24 -23.24
C GLY B 508 25.94 12.68 -22.89
N LYS B 509 25.30 13.64 -23.55
CA LYS B 509 25.51 15.04 -23.21
C LYS B 509 25.04 15.35 -21.80
N SER B 510 24.09 14.57 -21.29
CA SER B 510 23.64 14.76 -19.91
C SER B 510 24.74 14.40 -18.92
N THR B 511 25.50 13.35 -19.20
CA THR B 511 26.53 12.89 -18.27
C THR B 511 27.66 13.91 -18.10
N VAL B 512 28.10 14.53 -19.18
CA VAL B 512 29.20 15.50 -19.06
C VAL B 512 28.74 16.73 -18.29
N ALA B 513 27.47 17.12 -18.44
CA ALA B 513 26.95 18.25 -17.67
C ALA B 513 26.91 17.92 -16.18
N ALA B 514 26.48 16.71 -15.83
CA ALA B 514 26.31 16.36 -14.42
C ALA B 514 27.64 16.35 -13.68
N LEU B 515 28.65 15.70 -14.25
CA LEU B 515 29.93 15.56 -13.55
C LEU B 515 30.71 16.87 -13.46
N LEU B 516 30.26 17.92 -14.16
CA LEU B 516 30.86 19.25 -14.00
C LEU B 516 30.34 19.96 -12.75
N GLN B 517 29.32 19.42 -12.09
CA GLN B 517 28.76 20.00 -10.88
C GLN B 517 29.20 19.28 -9.62
N ASN B 518 30.22 18.42 -9.71
CA ASN B 518 30.66 17.58 -8.60
C ASN B 518 29.55 16.66 -8.10
N LEU B 519 28.70 16.19 -9.01
CA LEU B 519 27.70 15.19 -8.65
C LEU B 519 28.24 13.78 -8.77
N TYR B 520 29.16 13.55 -9.70
CA TYR B 520 29.83 12.26 -9.86
C TYR B 520 31.32 12.49 -9.97
N GLN B 521 32.09 11.47 -9.57
CA GLN B 521 33.52 11.66 -9.71
C GLN B 521 34.03 10.94 -10.95
N PRO B 522 34.88 11.60 -11.74
CA PRO B 522 35.40 10.94 -12.94
C PRO B 522 36.40 9.85 -12.58
N THR B 523 36.22 8.68 -13.20
CA THR B 523 37.13 7.56 -12.96
C THR B 523 38.49 7.76 -13.62
N GLY B 524 38.55 8.58 -14.67
CA GLY B 524 39.82 8.85 -15.32
C GLY B 524 39.93 10.33 -15.65
N GLY B 525 41.17 10.80 -15.66
CA GLY B 525 41.40 12.21 -15.92
C GLY B 525 41.03 13.07 -14.72
N GLN B 526 40.82 14.35 -15.00
CA GLN B 526 40.48 15.30 -13.95
C GLN B 526 39.74 16.48 -14.56
N VAL B 527 38.91 17.12 -13.73
CA VAL B 527 38.21 18.35 -14.07
C VAL B 527 38.58 19.40 -13.03
N LEU B 528 38.95 20.59 -13.48
CA LEU B 528 39.54 21.58 -12.61
C LEU B 528 38.89 22.94 -12.82
N LEU B 529 38.78 23.71 -11.73
CA LEU B 529 38.27 25.07 -11.74
C LEU B 529 39.36 26.01 -11.23
N ASP B 530 39.78 26.93 -12.09
CA ASP B 530 40.84 27.89 -11.75
C ASP B 530 42.08 27.18 -11.22
N GLU B 531 42.54 26.19 -11.97
CA GLU B 531 43.77 25.46 -11.70
C GLU B 531 43.71 24.66 -10.39
N LYS B 532 42.51 24.30 -9.96
CA LYS B 532 42.32 23.43 -8.81
C LYS B 532 41.17 22.48 -9.10
N PRO B 533 41.23 21.25 -8.58
CA PRO B 533 40.14 20.29 -8.83
C PRO B 533 38.82 20.77 -8.22
N ILE B 534 37.72 20.40 -8.87
CA ILE B 534 36.41 20.84 -8.42
C ILE B 534 36.05 20.20 -7.08
N SER B 535 36.56 19.00 -6.80
CA SER B 535 36.28 18.31 -5.55
C SER B 535 36.96 18.95 -4.36
N GLN B 536 37.88 19.88 -4.58
CA GLN B 536 38.59 20.53 -3.48
C GLN B 536 37.85 21.75 -2.95
N TYR B 537 36.80 22.20 -3.62
CA TYR B 537 36.05 23.36 -3.17
C TYR B 537 34.92 22.94 -2.22
N GLU B 538 34.53 23.87 -1.36
CA GLU B 538 33.48 23.59 -0.37
C GLU B 538 32.16 23.30 -1.08
N HIS B 539 31.39 22.37 -0.52
CA HIS B 539 30.11 22.00 -1.12
C HIS B 539 29.14 23.17 -1.15
N CYS B 540 29.08 23.94 -0.07
CA CYS B 540 28.16 25.07 -0.02
C CYS B 540 28.58 26.18 -0.98
N TYR B 541 29.87 26.42 -1.12
CA TYR B 541 30.35 27.52 -1.95
C TYR B 541 30.19 27.20 -3.44
N LEU B 542 30.53 25.97 -3.84
CA LEU B 542 30.63 25.64 -5.25
C LEU B 542 29.31 25.85 -5.99
N HIS B 543 28.21 25.40 -5.37
CA HIS B 543 26.91 25.48 -6.03
C HIS B 543 26.30 26.88 -5.98
N SER B 544 27.09 27.90 -5.65
CA SER B 544 26.65 29.27 -5.80
C SER B 544 27.22 29.88 -7.08
N GLN B 545 28.50 29.60 -7.36
CA GLN B 545 29.12 30.11 -8.58
C GLN B 545 28.63 29.36 -9.81
N VAL B 546 28.50 28.05 -9.73
CA VAL B 546 28.10 27.23 -10.87
C VAL B 546 26.74 26.60 -10.57
N VAL B 547 25.80 26.78 -11.50
CA VAL B 547 24.47 26.21 -11.42
C VAL B 547 24.04 25.80 -12.83
N SER B 548 23.22 24.76 -12.90
CA SER B 548 22.72 24.27 -14.18
C SER B 548 21.21 24.08 -14.09
N VAL B 549 20.56 24.11 -15.25
CA VAL B 549 19.13 23.87 -15.36
C VAL B 549 18.92 22.45 -15.83
N GLY B 550 17.98 21.75 -15.20
CA GLY B 550 17.74 20.36 -15.53
C GLY B 550 17.07 20.19 -16.87
N GLN B 551 17.28 19.02 -17.47
CA GLN B 551 16.63 18.71 -18.74
C GLN B 551 15.11 18.66 -18.58
N GLU B 552 14.62 17.97 -17.56
CA GLU B 552 13.20 17.98 -17.19
C GLU B 552 13.08 18.72 -15.87
N PRO B 553 12.64 19.98 -15.88
CA PRO B 553 12.59 20.75 -14.64
C PRO B 553 11.67 20.10 -13.62
N VAL B 554 12.06 20.20 -12.35
CA VAL B 554 11.27 19.71 -11.22
C VAL B 554 11.00 20.88 -10.30
N LEU B 555 9.76 21.00 -9.84
CA LEU B 555 9.34 22.06 -8.93
C LEU B 555 8.80 21.44 -7.66
N PHE B 556 8.87 22.20 -6.57
CA PHE B 556 8.46 21.73 -5.27
C PHE B 556 7.12 22.33 -4.88
N SER B 557 6.45 21.67 -3.93
CA SER B 557 5.09 22.04 -3.52
C SER B 557 5.02 23.33 -2.72
N GLY B 558 6.12 24.05 -2.56
CA GLY B 558 6.10 25.30 -1.82
C GLY B 558 5.50 26.44 -2.61
N SER B 559 5.62 27.66 -2.09
CA SER B 559 5.07 28.81 -2.77
C SER B 559 5.96 29.22 -3.95
N VAL B 560 5.48 30.20 -4.72
CA VAL B 560 6.26 30.70 -5.85
C VAL B 560 7.57 31.33 -5.37
N ARG B 561 7.50 32.13 -4.31
CA ARG B 561 8.71 32.77 -3.79
C ARG B 561 9.70 31.74 -3.27
N ASN B 562 9.21 30.71 -2.58
CA ASN B 562 10.10 29.69 -2.05
C ASN B 562 10.80 28.91 -3.16
N ASN B 563 10.14 28.72 -4.30
CA ASN B 563 10.76 27.98 -5.38
C ASN B 563 11.82 28.80 -6.10
N ILE B 564 11.58 30.10 -6.29
CA ILE B 564 12.56 30.96 -6.95
C ILE B 564 13.79 31.12 -6.05
N ALA B 565 13.57 31.35 -4.76
CA ALA B 565 14.66 31.53 -3.81
C ALA B 565 15.12 30.22 -3.20
N TYR B 566 14.94 29.11 -3.89
CA TYR B 566 15.32 27.81 -3.36
C TYR B 566 16.81 27.76 -3.05
N GLY B 567 17.15 27.29 -1.86
CA GLY B 567 18.53 27.12 -1.45
C GLY B 567 19.19 28.35 -0.88
N LEU B 568 18.56 29.53 -0.98
CA LEU B 568 19.18 30.74 -0.47
C LEU B 568 18.85 30.94 0.99
N GLN B 569 19.80 31.53 1.72
CA GLN B 569 19.58 31.81 3.14
C GLN B 569 18.52 32.89 3.32
N SER B 570 18.58 33.95 2.51
CA SER B 570 17.62 35.04 2.60
C SER B 570 17.57 35.75 1.26
N CYS B 571 16.41 36.35 0.98
CA CYS B 571 16.20 37.03 -0.29
C CYS B 571 15.18 38.13 -0.11
N GLU B 572 15.19 39.08 -1.03
CA GLU B 572 14.24 40.19 -1.05
C GLU B 572 13.39 40.12 -2.31
N ASP B 573 12.13 40.56 -2.18
CA ASP B 573 11.20 40.46 -3.30
C ASP B 573 11.64 41.28 -4.50
N ASP B 574 12.47 42.30 -4.29
CA ASP B 574 13.00 43.06 -5.42
C ASP B 574 13.85 42.18 -6.33
N LYS B 575 14.68 41.32 -5.74
CA LYS B 575 15.49 40.40 -6.53
C LYS B 575 14.62 39.38 -7.25
N VAL B 576 13.54 38.93 -6.60
CA VAL B 576 12.66 37.94 -7.22
C VAL B 576 12.01 38.51 -8.47
N MET B 577 11.55 39.77 -8.42
CA MET B 577 11.02 40.42 -9.61
C MET B 577 12.08 40.55 -10.69
N ALA B 578 13.31 40.93 -10.29
CA ALA B 578 14.40 41.04 -11.25
C ALA B 578 14.73 39.68 -11.85
N ALA B 579 14.76 38.63 -11.03
CA ALA B 579 15.02 37.29 -11.55
C ALA B 579 13.89 36.82 -12.47
N ALA B 580 12.65 37.07 -12.07
CA ALA B 580 11.51 36.64 -12.89
C ALA B 580 11.46 37.40 -14.21
N GLN B 581 11.74 38.70 -14.19
CA GLN B 581 11.70 39.48 -15.42
C GLN B 581 12.79 39.07 -16.39
N ALA B 582 13.87 38.48 -15.87
CA ALA B 582 14.95 37.99 -16.73
C ALA B 582 14.53 36.80 -17.57
N ALA B 583 13.45 36.11 -17.22
CA ALA B 583 12.96 34.97 -17.97
C ALA B 583 11.57 35.18 -18.55
N HIS B 584 11.04 36.40 -18.48
CA HIS B 584 9.72 36.76 -18.98
C HIS B 584 8.60 35.95 -18.34
N ALA B 585 8.86 35.28 -17.22
CA ALA B 585 7.83 34.52 -16.53
C ALA B 585 6.85 35.43 -15.79
N ASP B 586 7.14 36.73 -15.71
CA ASP B 586 6.26 37.65 -15.01
C ASP B 586 4.91 37.79 -15.70
N ASP B 587 4.85 37.47 -17.00
CA ASP B 587 3.58 37.54 -17.72
C ASP B 587 2.55 36.55 -17.17
N PHE B 588 2.98 35.51 -16.47
CA PHE B 588 2.09 34.57 -15.81
C PHE B 588 2.01 34.79 -14.31
N ILE B 589 3.14 35.11 -13.65
CA ILE B 589 3.14 35.25 -12.20
C ILE B 589 2.32 36.46 -11.77
N GLN B 590 2.39 37.56 -12.51
CA GLN B 590 1.79 38.81 -12.06
C GLN B 590 0.27 38.84 -12.16
N GLU B 591 -0.36 37.97 -12.94
CA GLU B 591 -1.81 37.88 -12.94
C GLU B 591 -2.34 37.20 -11.69
N MET B 592 -1.47 36.55 -10.93
CA MET B 592 -1.90 35.68 -9.86
C MET B 592 -1.96 36.44 -8.54
N GLU B 593 -3.00 36.17 -7.76
CA GLU B 593 -3.32 36.97 -6.58
C GLU B 593 -2.19 36.94 -5.56
N HIS B 594 -1.98 38.07 -4.89
CA HIS B 594 -0.91 38.26 -3.90
C HIS B 594 0.49 38.19 -4.49
N GLY B 595 0.61 38.05 -5.81
CA GLY B 595 1.92 37.97 -6.41
C GLY B 595 2.66 36.66 -6.17
N ILE B 596 3.81 36.74 -5.48
CA ILE B 596 4.72 35.62 -5.40
C ILE B 596 4.44 34.73 -4.20
N TYR B 597 3.38 35.00 -3.44
CA TYR B 597 3.14 34.27 -2.20
C TYR B 597 2.11 33.16 -2.36
N THR B 598 1.73 32.83 -3.59
CA THR B 598 0.75 31.78 -3.81
C THR B 598 1.37 30.40 -3.67
N ASP B 599 0.54 29.41 -3.41
CA ASP B 599 1.01 28.04 -3.31
C ASP B 599 1.01 27.38 -4.69
N VAL B 600 2.17 26.90 -5.11
CA VAL B 600 2.27 26.13 -6.34
C VAL B 600 1.69 24.74 -6.11
N GLY B 601 1.01 24.21 -7.12
CA GLY B 601 0.43 22.88 -7.01
C GLY B 601 1.49 21.83 -6.76
N GLU B 602 1.03 20.67 -6.29
CA GLU B 602 1.94 19.59 -5.92
C GLU B 602 2.85 19.22 -7.08
N LYS B 603 4.16 19.38 -6.86
CA LYS B 603 5.18 19.13 -7.87
C LYS B 603 4.88 19.89 -9.16
N GLY B 604 4.42 21.13 -9.04
CA GLY B 604 4.08 21.94 -10.18
C GLY B 604 2.94 21.40 -11.03
N SER B 605 1.89 20.88 -10.42
CA SER B 605 0.80 20.27 -11.18
C SER B 605 0.01 21.28 -12.01
N GLN B 606 -0.19 22.51 -11.52
CA GLN B 606 -1.01 23.48 -12.21
C GLN B 606 -0.27 24.24 -13.30
N LEU B 607 1.06 24.12 -13.37
CA LEU B 607 1.84 24.84 -14.36
C LEU B 607 1.94 24.05 -15.65
N ALA B 608 2.02 24.79 -16.77
CA ALA B 608 2.18 24.16 -18.07
C ALA B 608 3.66 23.83 -18.33
N ALA B 609 3.88 23.04 -19.38
CA ALA B 609 5.25 22.62 -19.70
C ALA B 609 6.14 23.80 -20.03
N GLY B 610 5.65 24.73 -20.86
CA GLY B 610 6.42 25.93 -21.15
C GLY B 610 6.59 26.84 -19.95
N GLN B 611 5.57 26.92 -19.10
CA GLN B 611 5.64 27.78 -17.92
C GLN B 611 6.71 27.29 -16.94
N LYS B 612 6.80 25.97 -16.77
CA LYS B 612 7.79 25.42 -15.85
C LYS B 612 9.21 25.71 -16.33
N GLN B 613 9.43 25.72 -17.64
CA GLN B 613 10.76 26.01 -18.18
C GLN B 613 11.21 27.41 -17.79
N ARG B 614 10.32 28.40 -17.94
CA ARG B 614 10.69 29.78 -17.66
C ARG B 614 10.80 30.04 -16.17
N LEU B 615 10.12 29.23 -15.35
CA LEU B 615 10.28 29.35 -13.90
C LEU B 615 11.61 28.77 -13.44
N ALA B 616 12.02 27.65 -14.05
CA ALA B 616 13.30 27.04 -13.70
C ALA B 616 14.48 27.92 -14.09
N ILE B 617 14.37 28.64 -15.22
CA ILE B 617 15.43 29.56 -15.61
C ILE B 617 15.58 30.66 -14.58
N ALA B 618 14.47 31.24 -14.12
CA ALA B 618 14.53 32.33 -13.14
C ALA B 618 15.14 31.86 -11.83
N ARG B 619 15.12 30.55 -11.57
CA ARG B 619 15.75 30.02 -10.36
C ARG B 619 17.27 30.09 -10.45
N ALA B 620 17.81 30.29 -11.65
CA ALA B 620 19.26 30.30 -11.82
C ALA B 620 19.84 31.70 -11.67
N LEU B 621 19.32 32.67 -12.44
CA LEU B 621 19.89 34.02 -12.41
C LEU B 621 19.60 34.75 -11.11
N VAL B 622 18.71 34.22 -10.25
CA VAL B 622 18.55 34.82 -8.93
C VAL B 622 19.80 34.60 -8.09
N ARG B 623 20.61 33.60 -8.44
CA ARG B 623 21.81 33.27 -7.70
C ARG B 623 23.06 33.99 -8.23
N ASP B 624 22.95 34.68 -9.36
CA ASP B 624 24.07 35.37 -9.99
C ASP B 624 25.24 34.41 -10.24
N PRO B 625 25.08 33.45 -11.15
CA PRO B 625 26.12 32.44 -11.36
C PRO B 625 27.31 32.97 -12.13
N ARG B 626 28.45 32.30 -11.94
CA ARG B 626 29.65 32.56 -12.72
C ARG B 626 29.81 31.57 -13.88
N VAL B 627 29.31 30.35 -13.73
CA VAL B 627 29.28 29.36 -14.81
C VAL B 627 27.85 28.89 -14.97
N LEU B 628 27.37 28.86 -16.22
CA LEU B 628 25.98 28.53 -16.50
C LEU B 628 25.93 27.37 -17.48
N ILE B 629 25.04 26.41 -17.21
CA ILE B 629 24.86 25.23 -18.06
C ILE B 629 23.39 25.13 -18.40
N LEU B 630 23.08 24.99 -19.69
CA LEU B 630 21.70 24.88 -20.17
C LEU B 630 21.51 23.52 -20.82
N ASP B 631 20.51 22.77 -20.37
CA ASP B 631 20.18 21.47 -20.94
C ASP B 631 19.03 21.58 -21.94
N GLU B 632 19.33 22.20 -23.08
CA GLU B 632 18.38 22.36 -24.19
C GLU B 632 17.11 23.06 -23.72
N ALA B 633 17.28 24.18 -23.01
CA ALA B 633 16.12 24.93 -22.55
C ALA B 633 15.34 25.54 -23.72
N THR B 634 16.03 25.85 -24.83
CA THR B 634 15.39 26.42 -25.99
C THR B 634 14.44 25.46 -26.70
N SER B 635 14.47 24.17 -26.36
CA SER B 635 13.55 23.22 -26.97
C SER B 635 12.10 23.50 -26.61
N ALA B 636 11.84 24.11 -25.45
CA ALA B 636 10.49 24.46 -25.05
C ALA B 636 10.36 25.98 -24.89
N LEU B 637 11.43 26.62 -24.41
CA LEU B 637 11.42 28.06 -24.26
C LEU B 637 11.67 28.74 -25.60
N ASP B 638 11.40 30.05 -25.63
CA ASP B 638 11.59 30.82 -26.85
C ASP B 638 13.07 30.92 -27.19
N VAL B 639 13.37 30.85 -28.50
CA VAL B 639 14.75 30.98 -28.95
C VAL B 639 15.31 32.35 -28.63
N GLN B 640 14.50 33.40 -28.83
CA GLN B 640 14.93 34.75 -28.46
C GLN B 640 15.16 34.86 -26.96
N CYS B 641 14.33 34.19 -26.16
CA CYS B 641 14.56 34.16 -24.71
C CYS B 641 15.87 33.49 -24.38
N GLU B 642 16.21 32.41 -25.11
CA GLU B 642 17.49 31.75 -24.90
C GLU B 642 18.65 32.68 -25.25
N GLN B 643 18.51 33.43 -26.34
CA GLN B 643 19.56 34.38 -26.70
C GLN B 643 19.73 35.46 -25.65
N ALA B 644 18.62 35.97 -25.11
CA ALA B 644 18.71 36.97 -24.05
C ALA B 644 19.34 36.38 -22.79
N LEU B 645 18.98 35.14 -22.46
CA LEU B 645 19.60 34.49 -21.31
C LEU B 645 21.08 34.21 -21.56
N GLN B 646 21.45 33.96 -22.81
CA GLN B 646 22.83 33.68 -23.17
C GLN B 646 23.63 34.93 -23.47
N ASP B 647 23.04 36.12 -23.33
CA ASP B 647 23.76 37.36 -23.58
C ASP B 647 23.59 38.42 -22.50
N TRP B 648 22.86 38.15 -21.43
CA TRP B 648 22.61 39.15 -20.39
C TRP B 648 23.83 39.28 -19.48
N ASN B 649 23.65 40.02 -18.38
CA ASN B 649 24.73 40.23 -17.43
C ASN B 649 25.21 38.92 -16.82
N SER B 650 24.31 37.96 -16.63
CA SER B 650 24.67 36.63 -16.17
C SER B 650 25.40 35.81 -17.23
N ARG B 651 25.48 36.32 -18.47
CA ARG B 651 26.16 35.61 -19.53
C ARG B 651 27.09 36.49 -20.35
N GLY B 652 27.20 37.78 -20.05
CA GLY B 652 28.09 38.67 -20.78
C GLY B 652 29.56 38.32 -20.60
N ASP B 653 29.96 38.06 -19.36
CA ASP B 653 31.33 37.64 -19.08
C ASP B 653 31.39 36.39 -18.23
N ARG B 654 30.30 35.65 -18.10
CA ARG B 654 30.26 34.39 -17.36
C ARG B 654 30.20 33.24 -18.35
N THR B 655 30.98 32.19 -18.08
CA THR B 655 31.04 31.04 -18.98
C THR B 655 29.66 30.41 -19.14
N VAL B 656 29.27 30.18 -20.39
CA VAL B 656 27.98 29.58 -20.71
C VAL B 656 28.22 28.34 -21.56
N LEU B 657 27.64 27.22 -21.15
CA LEU B 657 27.71 25.98 -21.90
C LEU B 657 26.28 25.52 -22.17
N VAL B 658 25.91 25.41 -23.44
CA VAL B 658 24.56 25.08 -23.84
C VAL B 658 24.58 23.76 -24.59
N ILE B 659 23.57 22.93 -24.35
CA ILE B 659 23.43 21.63 -24.98
C ILE B 659 22.28 21.71 -25.97
N ALA B 660 22.53 21.32 -27.22
CA ALA B 660 21.53 21.44 -28.28
C ALA B 660 21.39 20.10 -29.00
N HIS B 661 20.15 19.77 -29.35
CA HIS B 661 19.86 18.58 -30.14
C HIS B 661 19.82 18.88 -31.63
N ARG B 662 20.09 20.11 -32.04
CA ARG B 662 20.08 20.49 -33.44
C ARG B 662 21.11 21.58 -33.66
N LEU B 663 21.15 22.10 -34.89
CA LEU B 663 22.10 23.15 -35.24
C LEU B 663 21.63 24.54 -34.83
N GLN B 664 20.61 24.64 -33.97
CA GLN B 664 20.10 25.94 -33.56
C GLN B 664 21.13 26.71 -32.71
N THR B 665 22.00 26.00 -32.00
CA THR B 665 22.98 26.68 -31.17
C THR B 665 24.06 27.35 -32.01
N VAL B 666 24.15 27.00 -33.30
CA VAL B 666 25.22 27.51 -34.15
C VAL B 666 25.11 29.01 -34.37
N GLN B 667 23.93 29.59 -34.20
CA GLN B 667 23.76 31.01 -34.49
C GLN B 667 24.50 31.91 -33.49
N ARG B 668 24.93 31.37 -32.35
CA ARG B 668 25.69 32.17 -31.39
C ARG B 668 26.92 31.49 -30.83
N ALA B 669 27.12 30.19 -31.05
CA ALA B 669 28.21 29.47 -30.40
C ALA B 669 29.56 29.98 -30.89
N HIS B 670 30.45 30.26 -29.94
CA HIS B 670 31.81 30.69 -30.27
C HIS B 670 32.75 29.51 -30.43
N GLN B 671 32.39 28.36 -29.88
CA GLN B 671 33.20 27.15 -30.00
C GLN B 671 32.26 25.95 -29.97
N ILE B 672 31.85 25.48 -31.14
CA ILE B 672 30.96 24.34 -31.27
C ILE B 672 31.81 23.08 -31.17
N LEU B 673 31.31 22.07 -30.46
CA LEU B 673 32.07 20.84 -30.21
C LEU B 673 31.11 19.66 -30.28
N VAL B 674 31.38 18.74 -31.22
CA VAL B 674 30.58 17.53 -31.33
C VAL B 674 31.32 16.38 -30.69
N LEU B 675 30.59 15.46 -30.06
CA LEU B 675 31.18 14.26 -29.49
C LEU B 675 30.26 13.07 -29.76
N GLN B 676 30.86 11.98 -30.21
CA GLN B 676 30.14 10.75 -30.50
C GLN B 676 30.91 9.58 -29.93
N GLU B 677 30.19 8.49 -29.64
CA GLU B 677 30.76 7.25 -29.07
C GLU B 677 31.72 7.53 -27.92
N GLY B 678 31.51 8.63 -27.21
CA GLY B 678 32.38 9.02 -26.11
C GLY B 678 33.64 9.73 -26.52
N LYS B 679 33.80 10.05 -27.81
CA LYS B 679 34.99 10.73 -28.30
C LYS B 679 34.59 12.02 -29.02
N LEU B 680 35.31 13.09 -28.71
CA LEU B 680 35.01 14.37 -29.33
C LEU B 680 35.33 14.36 -30.82
N GLN B 681 34.61 15.18 -31.57
CA GLN B 681 34.79 15.28 -33.01
C GLN B 681 36.15 15.88 -33.36
N ARG C 1 -18.45 -17.66 18.21
CA ARG C 1 -17.05 -17.27 18.25
C ARG C 1 -16.84 -16.27 19.37
N ARG C 2 -15.64 -16.22 19.90
CA ARG C 2 -15.35 -15.21 20.95
C ARG C 2 -14.39 -14.15 20.40
N TYR C 3 -14.51 -12.92 20.90
CA TYR C 3 -13.70 -11.79 20.44
C TYR C 3 -12.24 -11.90 20.88
N SER C 4 -11.33 -11.22 20.18
CA SER C 4 -9.93 -11.09 20.55
C SER C 4 -9.30 -9.84 19.93
N THR C 5 -8.86 -8.91 20.77
CA THR C 5 -7.96 -7.82 20.36
C THR C 5 -6.70 -8.46 19.79
N GLU C 6 -6.38 -8.15 18.53
CA GLU C 6 -5.29 -8.77 17.75
C GLU C 6 -4.66 -7.78 16.77
N TYR D 3 -3.14 -11.79 24.62
CA TYR D 3 -4.47 -11.33 24.99
C TYR D 3 -4.35 -10.42 26.20
N SER D 4 -5.26 -9.48 26.37
CA SER D 4 -5.15 -8.51 27.48
C SER D 4 -3.95 -7.53 27.36
N THR D 5 -3.66 -7.08 26.13
CA THR D 5 -2.68 -6.01 25.89
C THR D 5 -3.32 -4.65 26.16
N GLU D 6 -3.20 -4.16 27.38
CA GLU D 6 -3.41 -2.76 27.71
C GLU D 6 -2.07 -2.15 28.12
N LEU D 7 -1.65 -1.16 27.35
CA LEU D 7 -0.41 -0.40 27.54
C LEU D 7 -0.41 0.27 28.91
#